data_8QRG
#
_entry.id   8QRG
#
_cell.length_a   81.514
_cell.length_b   104.647
_cell.length_c   110.014
_cell.angle_alpha   90.000
_cell.angle_beta   90.000
_cell.angle_gamma   90.000
#
_symmetry.space_group_name_H-M   'P 21 21 21'
#
loop_
_entity.id
_entity.type
_entity.pdbx_description
1 polymer 'Spike protein S1'
2 polymer NbC1
3 polymer 'XBB-2 heavy chain'
4 polymer 'XBB-2 light chain'
5 non-polymer 2-acetamido-2-deoxy-beta-D-glucopyranose
6 non-polymer GLYCEROL
7 water water
#
loop_
_entity_poly.entity_id
_entity_poly.type
_entity_poly.pdbx_seq_one_letter_code
_entity_poly.pdbx_strand_id
1 'polypeptide(L)'
;HHHHHHTNLCPFGEVFNATRFASVYAWNRKRISNCVADYSVLYNSASFSTFKCYGVSPTKLNDLCFTNVYADSFVIRGDE
VRQIAPGQTGKIADYNYKLPDDFTGCVIAWNSNNLDSKVGGNYNYRYRLFRKSNLKPFERDISTEIYQAGSKPCNGVEGF
NCYFPLQSYGFQPTNGVGYQPYRVVVLSFELLHAPATVCGKK
;
E
2 'polypeptide(L)'
;QVQLVESGGGLVQPGGSLRLSCAASGFTNDFYSIAWFRQAPGKEREGVSWLSVSDNTPTYVDSVKDRFTISRHNANNTVY
LQMNMLKPEDTAIYYCAAGRFAGRDTWPSSYDYWGQGTQVTVSSKHHHHHH
;
A
3 'polypeptide(L)'
;EVQLVESGGGLVEPGGSLRLSCAASGITVSSNYMHWVRQAPGRGLEWVSLIYSGGSTFFAESVKGRFTISRDNSKNTMYL
QMNSLRVEDTAVYYCAREVPRISGYDYWGQGTLVTVSSASTKGPSVFPLAPSSKSTSGGTAALGCLVKDYFPEPVTVSWN
SGALTSGVHTFPAVLQSSGLYSLSSVVTVPSSSLGTQTYICNVNHKPSNTKVDKRVEPKSCDK
;
H
4 'polypeptide(L)'
;DIQMTQSPSSLSASVGDRVTITCQASQDINKYLNWYQQKPGKAPNLLISGASNLETGVPSRFSGSGFGTDFTFTISSLQP
EDIATYYCQQSDNLPPTFGQGTKVEIKRTVAAPSVFIFPPSDEQLKSGTASVVCLLNNFYPREAKVQWKVDNALQSGNSQ
ESVTEQDSKDSTYSLSSTLTLSKADYEKHKVYACEVTHQGLSSPVTKSFNRGEC
;
L
#
# COMPACT_ATOMS: atom_id res chain seq x y z
N THR A 7 -36.37 12.06 43.69
CA THR A 7 -35.52 11.05 43.06
C THR A 7 -36.34 10.14 42.15
N ASN A 8 -35.70 9.67 41.07
CA ASN A 8 -36.34 8.71 40.18
C ASN A 8 -35.27 8.11 39.26
N LEU A 9 -35.47 6.85 38.88
CA LEU A 9 -34.51 6.15 38.05
C LEU A 9 -34.52 6.67 36.62
N CYS A 10 -33.32 6.70 36.02
CA CYS A 10 -33.19 7.23 34.68
C CYS A 10 -33.87 6.31 33.66
N PRO A 11 -34.51 6.86 32.63
CA PRO A 11 -35.11 6.03 31.57
C PRO A 11 -34.06 5.47 30.62
N PHE A 12 -33.14 4.68 31.17
CA PHE A 12 -32.10 4.09 30.32
C PHE A 12 -32.64 2.97 29.45
N GLY A 13 -33.75 2.34 29.85
CA GLY A 13 -34.34 1.31 28.99
C GLY A 13 -34.76 1.84 27.64
N GLU A 14 -35.36 3.03 27.61
CA GLU A 14 -35.78 3.63 26.35
C GLU A 14 -34.61 3.83 25.39
N VAL A 15 -33.40 3.94 25.91
CA VAL A 15 -32.21 4.22 25.11
C VAL A 15 -31.56 2.91 24.68
N PHE A 16 -31.12 2.11 25.65
CA PHE A 16 -30.40 0.88 25.32
C PHE A 16 -31.30 -0.12 24.59
N ASN A 17 -32.56 -0.22 25.01
CA ASN A 17 -33.47 -1.22 24.50
C ASN A 17 -34.40 -0.68 23.41
N ALA A 18 -34.07 0.48 22.83
CA ALA A 18 -34.89 1.04 21.75
C ALA A 18 -34.92 0.10 20.56
N THR A 19 -36.11 -0.03 19.94
CA THR A 19 -36.26 -0.97 18.84
C THR A 19 -35.43 -0.57 17.64
N ARG A 20 -35.41 0.71 17.29
CA ARG A 20 -34.62 1.19 16.16
C ARG A 20 -33.61 2.22 16.63
N PHE A 21 -32.45 2.24 15.97
CA PHE A 21 -31.36 3.14 16.27
C PHE A 21 -31.15 4.11 15.12
N ALA A 22 -30.62 5.28 15.43
CA ALA A 22 -30.34 6.31 14.44
C ALA A 22 -29.14 5.95 13.59
N SER A 23 -29.07 6.56 12.41
CA SER A 23 -27.82 6.52 11.67
C SER A 23 -26.82 7.46 12.34
N VAL A 24 -25.54 7.07 12.27
CA VAL A 24 -24.50 7.79 13.00
C VAL A 24 -24.40 9.24 12.56
N TYR A 25 -24.65 9.55 11.29
CA TYR A 25 -24.57 10.95 10.87
C TYR A 25 -25.68 11.77 11.52
N ALA A 26 -26.83 11.14 11.79
CA ALA A 26 -27.95 11.81 12.44
C ALA A 26 -28.11 11.26 13.84
N TRP A 27 -27.00 11.12 14.56
CA TRP A 27 -26.99 10.45 15.84
C TRP A 27 -28.02 11.05 16.77
N ASN A 28 -28.74 10.18 17.47
CA ASN A 28 -29.80 10.58 18.37
C ASN A 28 -29.21 10.97 19.73
N ARG A 29 -29.79 11.99 20.36
CA ARG A 29 -29.37 12.42 21.69
C ARG A 29 -30.57 12.46 22.62
N LYS A 30 -30.43 11.83 23.78
CA LYS A 30 -31.45 11.81 24.81
C LYS A 30 -30.93 12.60 26.01
N ARG A 31 -31.63 13.66 26.38
CA ARG A 31 -31.21 14.52 27.48
C ARG A 31 -31.99 14.11 28.72
N ILE A 32 -31.27 13.68 29.76
CA ILE A 32 -31.91 13.21 30.98
C ILE A 32 -31.47 14.07 32.14
N SER A 33 -32.43 14.46 32.97
CA SER A 33 -32.13 15.27 34.14
C SER A 33 -31.23 14.49 35.09
N ASN A 34 -30.80 15.16 36.17
CA ASN A 34 -29.98 14.51 37.20
C ASN A 34 -30.86 13.50 37.93
N CYS A 35 -31.03 12.35 37.30
CA CYS A 35 -31.76 11.22 37.89
C CYS A 35 -30.77 10.25 38.52
N VAL A 36 -31.29 9.23 39.19
CA VAL A 36 -30.46 8.20 39.80
C VAL A 36 -30.49 6.96 38.93
N ALA A 37 -29.36 6.24 38.89
CA ALA A 37 -29.28 5.01 38.13
C ALA A 37 -28.15 4.16 38.67
N ASP A 38 -28.41 2.86 38.82
CA ASP A 38 -27.38 1.93 39.26
C ASP A 38 -26.37 1.70 38.13
N TYR A 39 -25.52 2.70 37.87
CA TYR A 39 -24.50 2.60 36.82
C TYR A 39 -23.59 1.40 37.02
N SER A 40 -23.48 0.89 38.24
CA SER A 40 -22.69 -0.30 38.48
C SER A 40 -23.32 -1.53 37.85
N VAL A 41 -24.66 -1.58 37.78
CA VAL A 41 -25.34 -2.72 37.17
C VAL A 41 -25.19 -2.68 35.65
N LEU A 42 -25.21 -1.49 35.07
CA LEU A 42 -24.96 -1.35 33.63
C LEU A 42 -23.61 -1.94 33.26
N TYR A 43 -22.55 -1.59 34.00
CA TYR A 43 -21.21 -2.04 33.63
C TYR A 43 -21.10 -3.55 33.69
N ASN A 44 -21.79 -4.18 34.64
CA ASN A 44 -21.69 -5.63 34.86
C ASN A 44 -22.68 -6.42 34.03
N SER A 45 -23.35 -5.78 33.07
CA SER A 45 -24.27 -6.46 32.17
C SER A 45 -23.47 -7.15 31.07
N ALA A 46 -23.67 -8.46 30.92
CA ALA A 46 -22.94 -9.21 29.90
C ALA A 46 -23.32 -8.81 28.48
N SER A 47 -24.42 -8.08 28.31
CA SER A 47 -24.85 -7.69 26.97
C SER A 47 -23.86 -6.73 26.32
N PHE A 48 -23.10 -5.99 27.12
CA PHE A 48 -22.23 -4.94 26.62
C PHE A 48 -20.82 -5.48 26.42
N SER A 49 -20.39 -5.54 25.16
CA SER A 49 -19.03 -5.99 24.85
C SER A 49 -18.01 -4.86 24.93
N THR A 50 -18.44 -3.61 24.77
CA THR A 50 -17.57 -2.45 24.89
C THR A 50 -18.11 -1.56 26.00
N PHE A 51 -17.29 -1.29 27.01
CA PHE A 51 -17.70 -0.41 28.10
C PHE A 51 -16.46 0.34 28.59
N LYS A 52 -16.21 1.51 28.00
CA LYS A 52 -15.00 2.27 28.23
C LYS A 52 -15.36 3.65 28.78
N CYS A 53 -14.81 3.99 29.94
CA CYS A 53 -15.10 5.28 30.56
C CYS A 53 -13.83 6.12 30.63
N TYR A 54 -14.02 7.43 30.54
CA TYR A 54 -12.98 8.43 30.48
C TYR A 54 -13.28 9.52 31.48
N GLY A 55 -12.25 9.95 32.22
CA GLY A 55 -12.45 10.95 33.25
C GLY A 55 -13.22 10.50 34.46
N VAL A 56 -13.63 9.23 34.52
CA VAL A 56 -14.45 8.72 35.61
C VAL A 56 -14.54 7.20 35.51
N SER A 57 -14.67 6.53 36.63
CA SER A 57 -14.82 5.09 36.73
C SER A 57 -16.29 4.69 36.62
N PRO A 58 -16.58 3.58 35.92
CA PRO A 58 -17.96 3.10 35.82
C PRO A 58 -18.69 2.97 37.16
N THR A 59 -18.02 2.50 38.21
CA THR A 59 -18.67 2.25 39.49
C THR A 59 -18.88 3.55 40.27
N LYS A 60 -18.07 4.57 40.01
CA LYS A 60 -18.17 5.84 40.71
C LYS A 60 -18.98 6.87 39.94
N LEU A 61 -19.78 6.43 38.97
CA LEU A 61 -20.58 7.38 38.19
C LEU A 61 -21.66 8.03 39.05
N ASN A 62 -22.32 7.25 39.91
CA ASN A 62 -23.34 7.83 40.77
C ASN A 62 -22.76 8.91 41.69
N ASP A 63 -21.48 8.80 42.04
CA ASP A 63 -20.82 9.78 42.90
C ASP A 63 -20.16 10.89 42.07
N LEU A 64 -20.96 11.49 41.19
CA LEU A 64 -20.53 12.59 40.34
C LEU A 64 -21.40 13.82 40.61
N CYS A 65 -20.82 14.99 40.38
CA CYS A 65 -21.52 16.26 40.52
C CYS A 65 -21.74 16.81 39.11
N PHE A 66 -22.99 16.73 38.64
CA PHE A 66 -23.31 17.16 37.28
C PHE A 66 -24.77 17.63 37.26
N THR A 67 -25.18 18.16 36.12
CA THR A 67 -26.59 18.51 35.98
C THR A 67 -27.28 17.58 35.01
N ASN A 68 -27.05 17.77 33.71
CA ASN A 68 -27.68 16.92 32.71
C ASN A 68 -26.72 15.82 32.30
N VAL A 69 -27.28 14.64 32.10
CA VAL A 69 -26.59 13.54 31.44
C VAL A 69 -27.22 13.39 30.07
N TYR A 70 -26.37 13.18 29.06
CA TYR A 70 -26.80 12.93 27.70
C TYR A 70 -26.47 11.50 27.30
N ALA A 71 -27.42 10.83 26.67
CA ALA A 71 -27.20 9.52 26.09
C ALA A 71 -27.33 9.66 24.56
N ASP A 72 -26.18 9.77 23.89
CA ASP A 72 -26.14 9.73 22.43
C ASP A 72 -26.05 8.28 21.97
N SER A 73 -26.69 7.96 20.85
CA SER A 73 -26.77 6.57 20.41
C SER A 73 -26.97 6.49 18.91
N PHE A 74 -26.45 5.42 18.31
CA PHE A 74 -26.35 5.30 16.86
C PHE A 74 -25.78 3.92 16.51
N VAL A 75 -25.68 3.66 15.21
CA VAL A 75 -25.15 2.40 14.69
C VAL A 75 -23.93 2.70 13.81
N ILE A 76 -22.83 1.99 14.06
CA ILE A 76 -21.65 1.99 13.22
C ILE A 76 -21.22 0.53 12.99
N ARG A 77 -20.20 0.33 12.18
CA ARG A 77 -19.69 -1.02 11.98
C ARG A 77 -18.63 -1.34 13.03
N GLY A 78 -18.39 -2.63 13.22
CA GLY A 78 -17.58 -3.08 14.35
C GLY A 78 -16.18 -2.49 14.36
N ASP A 79 -15.51 -2.47 13.19
CA ASP A 79 -14.14 -1.97 13.23
C ASP A 79 -14.08 -0.46 13.43
N GLU A 80 -15.22 0.20 13.53
CA GLU A 80 -15.31 1.64 13.74
C GLU A 80 -15.53 2.00 15.20
N VAL A 81 -15.76 1.01 16.07
CA VAL A 81 -16.02 1.33 17.46
C VAL A 81 -14.80 1.98 18.10
N ARG A 82 -13.59 1.64 17.65
CA ARG A 82 -12.38 2.26 18.16
C ARG A 82 -12.38 3.77 17.95
N GLN A 83 -13.16 4.29 17.00
CA GLN A 83 -13.14 5.72 16.74
C GLN A 83 -14.00 6.52 17.71
N ILE A 84 -14.89 5.86 18.45
CA ILE A 84 -15.73 6.53 19.43
C ILE A 84 -14.97 6.65 20.75
N ALA A 85 -14.05 7.60 20.79
CA ALA A 85 -13.15 7.77 21.92
C ALA A 85 -12.43 9.11 21.75
N PRO A 86 -11.99 9.73 22.85
CA PRO A 86 -11.23 10.97 22.71
C PRO A 86 -9.98 10.76 21.89
N GLY A 87 -9.69 11.72 21.01
CA GLY A 87 -8.41 11.76 20.32
C GLY A 87 -8.33 10.93 19.06
N GLN A 88 -9.45 10.47 18.53
CA GLN A 88 -9.43 9.58 17.38
C GLN A 88 -9.69 10.34 16.08
N THR A 89 -9.22 9.75 14.99
CA THR A 89 -9.43 10.23 13.63
C THR A 89 -9.98 9.10 12.80
N GLY A 90 -10.42 9.42 11.59
CA GLY A 90 -11.13 8.50 10.73
C GLY A 90 -12.48 9.07 10.34
N LYS A 91 -13.15 8.34 9.45
CA LYS A 91 -14.38 8.86 8.86
C LYS A 91 -15.46 9.11 9.91
N ILE A 92 -15.57 8.25 10.92
CA ILE A 92 -16.61 8.42 11.90
C ILE A 92 -16.29 9.58 12.82
N ALA A 93 -15.11 9.54 13.45
CA ALA A 93 -14.72 10.61 14.38
C ALA A 93 -14.59 11.95 13.68
N ASP A 94 -14.11 11.97 12.43
CA ASP A 94 -13.95 13.25 11.73
C ASP A 94 -15.26 13.79 11.18
N TYR A 95 -16.11 12.94 10.61
CA TYR A 95 -17.22 13.43 9.81
C TYR A 95 -18.59 13.05 10.34
N ASN A 96 -18.69 12.29 11.43
CA ASN A 96 -19.98 11.78 11.87
C ASN A 96 -20.27 12.04 13.34
N TYR A 97 -19.36 11.63 14.23
CA TYR A 97 -19.57 11.77 15.67
C TYR A 97 -18.23 11.92 16.37
N LYS A 98 -18.02 13.06 17.02
CA LYS A 98 -16.71 13.43 17.57
C LYS A 98 -16.79 13.67 19.07
N LEU A 99 -15.97 12.95 19.83
CA LEU A 99 -15.85 13.17 21.26
C LEU A 99 -14.74 14.18 21.56
N PRO A 100 -14.93 15.04 22.56
CA PRO A 100 -13.89 16.02 22.89
C PRO A 100 -12.70 15.36 23.56
N ASP A 101 -11.56 16.05 23.53
CA ASP A 101 -10.36 15.51 24.15
C ASP A 101 -10.54 15.32 25.65
N ASP A 102 -11.29 16.21 26.29
CA ASP A 102 -11.52 16.17 27.73
C ASP A 102 -12.84 15.48 28.09
N PHE A 103 -13.26 14.53 27.27
CA PHE A 103 -14.52 13.81 27.48
C PHE A 103 -14.58 13.24 28.89
N THR A 104 -15.72 13.44 29.54
CA THR A 104 -16.03 12.80 30.82
C THR A 104 -17.30 11.98 30.62
N GLY A 105 -17.17 10.66 30.60
CA GLY A 105 -18.31 9.81 30.38
C GLY A 105 -17.86 8.45 29.87
N CYS A 106 -18.81 7.73 29.27
CA CYS A 106 -18.59 6.33 28.94
C CYS A 106 -19.11 6.02 27.55
N VAL A 107 -18.42 5.08 26.90
CA VAL A 107 -18.76 4.57 25.57
C VAL A 107 -19.17 3.11 25.73
N ILE A 108 -20.41 2.80 25.34
CA ILE A 108 -20.96 1.47 25.49
C ILE A 108 -21.39 0.97 24.11
N ALA A 109 -21.06 -0.28 23.80
CA ALA A 109 -21.33 -0.81 22.47
C ALA A 109 -21.56 -2.31 22.56
N TRP A 110 -22.31 -2.84 21.59
CA TRP A 110 -22.61 -4.26 21.54
C TRP A 110 -23.00 -4.66 20.12
N ASN A 111 -22.76 -5.93 19.81
CA ASN A 111 -23.03 -6.45 18.49
C ASN A 111 -24.54 -6.56 18.26
N SER A 112 -25.01 -6.00 17.15
CA SER A 112 -26.44 -6.03 16.82
C SER A 112 -26.67 -6.73 15.48
N ASN A 113 -25.78 -7.64 15.10
CA ASN A 113 -25.95 -8.37 13.84
C ASN A 113 -27.30 -9.03 13.75
N ASN A 114 -27.80 -9.59 14.86
CA ASN A 114 -29.07 -10.31 14.82
C ASN A 114 -30.25 -9.37 14.57
N LEU A 115 -30.07 -8.06 14.76
CA LEU A 115 -31.14 -7.08 14.61
C LEU A 115 -31.01 -6.20 13.39
N ASP A 116 -29.79 -5.76 13.06
CA ASP A 116 -29.60 -4.73 12.05
C ASP A 116 -29.06 -5.28 10.72
N SER A 117 -28.88 -6.59 10.59
CA SER A 117 -28.48 -7.20 9.34
CA SER A 117 -28.47 -7.22 9.34
C SER A 117 -29.66 -7.93 8.71
N LYS A 118 -29.69 -7.93 7.38
CA LYS A 118 -30.75 -8.58 6.63
C LYS A 118 -30.14 -9.30 5.44
N VAL A 119 -30.65 -10.49 5.14
CA VAL A 119 -30.21 -11.23 3.97
C VAL A 119 -30.52 -10.42 2.72
N GLY A 120 -29.52 -10.28 1.85
CA GLY A 120 -29.58 -9.32 0.76
C GLY A 120 -29.12 -7.94 1.16
N GLY A 121 -28.75 -7.73 2.42
CA GLY A 121 -28.25 -6.44 2.85
C GLY A 121 -29.31 -5.52 3.42
N ASN A 122 -29.02 -4.96 4.59
CA ASN A 122 -29.77 -3.85 5.14
C ASN A 122 -28.98 -2.58 4.85
N TYR A 123 -29.59 -1.65 4.11
CA TYR A 123 -28.94 -0.41 3.71
C TYR A 123 -29.55 0.82 4.37
N ASN A 124 -30.40 0.63 5.39
CA ASN A 124 -31.07 1.76 6.04
C ASN A 124 -30.09 2.63 6.81
N TYR A 125 -29.02 2.05 7.35
CA TYR A 125 -28.06 2.82 8.14
C TYR A 125 -27.03 3.49 7.24
N ARG A 126 -26.75 4.76 7.51
CA ARG A 126 -25.86 5.54 6.67
C ARG A 126 -24.79 6.21 7.52
N TYR A 127 -23.78 6.73 6.83
CA TYR A 127 -22.72 7.52 7.45
C TYR A 127 -22.26 8.56 6.43
N ARG A 128 -21.71 9.65 6.93
CA ARG A 128 -21.18 10.69 6.05
C ARG A 128 -19.80 10.29 5.58
N LEU A 129 -19.62 10.17 4.27
CA LEU A 129 -18.33 9.77 3.72
C LEU A 129 -17.48 10.96 3.26
N PHE A 130 -18.11 12.06 2.87
CA PHE A 130 -17.40 13.23 2.36
C PHE A 130 -17.77 14.46 3.17
N ARG A 131 -16.76 15.20 3.63
CA ARG A 131 -16.98 16.47 4.31
C ARG A 131 -15.71 17.29 4.19
N LYS A 132 -15.86 18.61 3.97
CA LYS A 132 -14.72 19.48 3.75
C LYS A 132 -13.84 19.62 5.00
N SER A 133 -14.43 19.60 6.19
CA SER A 133 -13.70 19.82 7.43
C SER A 133 -14.23 18.89 8.52
N ASN A 134 -13.47 18.77 9.60
CA ASN A 134 -13.84 17.89 10.71
C ASN A 134 -14.95 18.49 11.56
N LEU A 135 -15.76 17.62 12.14
CA LEU A 135 -16.75 18.03 13.11
C LEU A 135 -16.11 18.52 14.39
N LYS A 136 -16.72 19.54 14.99
CA LYS A 136 -16.39 19.89 16.36
C LYS A 136 -17.01 18.85 17.30
N PRO A 137 -16.52 18.74 18.53
CA PRO A 137 -17.07 17.73 19.45
C PRO A 137 -18.57 17.97 19.65
N PHE A 138 -19.33 16.89 19.53
CA PHE A 138 -20.77 16.89 19.77
C PHE A 138 -21.50 17.73 18.72
N GLU A 139 -20.94 17.81 17.53
CA GLU A 139 -21.61 18.45 16.40
C GLU A 139 -22.37 17.39 15.62
N ARG A 140 -23.52 17.77 15.06
CA ARG A 140 -24.34 16.90 14.23
C ARG A 140 -24.57 17.59 12.90
N ASP A 141 -24.29 16.88 11.81
CA ASP A 141 -24.49 17.39 10.46
C ASP A 141 -25.38 16.40 9.72
N ILE A 142 -26.58 16.87 9.33
CA ILE A 142 -27.52 16.05 8.57
C ILE A 142 -27.74 16.60 7.17
N SER A 143 -26.90 17.53 6.73
CA SER A 143 -27.11 18.07 5.39
C SER A 143 -26.83 17.01 4.33
N THR A 144 -27.36 17.24 3.14
CA THR A 144 -27.28 16.32 2.02
C THR A 144 -26.91 17.05 0.73
N GLU A 145 -26.08 18.08 0.84
CA GLU A 145 -25.64 18.81 -0.34
C GLU A 145 -24.65 17.95 -1.11
N ILE A 146 -24.73 18.01 -2.44
CA ILE A 146 -23.79 17.25 -3.27
C ILE A 146 -22.37 17.74 -2.99
N TYR A 147 -21.47 16.78 -2.73
CA TYR A 147 -20.11 17.12 -2.34
C TYR A 147 -19.28 17.37 -3.59
N GLN A 148 -18.68 18.55 -3.67
CA GLN A 148 -17.94 18.97 -4.86
C GLN A 148 -16.46 18.59 -4.67
N ALA A 149 -16.03 17.53 -5.36
CA ALA A 149 -14.67 17.05 -5.21
C ALA A 149 -13.73 17.62 -6.25
N GLY A 150 -14.24 18.41 -7.20
CA GLY A 150 -13.43 19.00 -8.22
C GLY A 150 -13.65 20.50 -8.34
N SER A 151 -13.23 21.10 -9.43
CA SER A 151 -13.32 22.55 -9.59
C SER A 151 -14.65 23.02 -10.18
N LYS A 152 -15.39 22.14 -10.86
CA LYS A 152 -16.69 22.43 -11.46
C LYS A 152 -17.80 22.29 -10.42
N PRO A 153 -18.74 23.23 -10.40
CA PRO A 153 -19.87 23.11 -9.47
C PRO A 153 -20.82 21.99 -9.89
N CYS A 154 -21.41 21.33 -8.91
CA CYS A 154 -22.29 20.21 -9.16
C CYS A 154 -23.72 20.63 -9.52
N ASN A 155 -24.22 21.72 -8.94
CA ASN A 155 -25.58 22.18 -9.20
C ASN A 155 -26.60 21.10 -8.84
N GLY A 156 -26.40 20.48 -7.68
CA GLY A 156 -27.35 19.50 -7.17
C GLY A 156 -27.51 18.27 -8.02
N VAL A 157 -26.54 17.96 -8.88
CA VAL A 157 -26.59 16.78 -9.72
C VAL A 157 -25.37 15.92 -9.41
N GLU A 158 -25.61 14.66 -9.07
CA GLU A 158 -24.51 13.74 -8.80
C GLU A 158 -23.82 13.34 -10.10
N GLY A 159 -22.53 13.06 -10.01
CA GLY A 159 -21.76 12.64 -11.17
C GLY A 159 -20.29 12.51 -10.81
N PHE A 160 -19.44 12.60 -11.82
CA PHE A 160 -18.00 12.59 -11.57
C PHE A 160 -17.62 13.82 -10.76
N ASN A 161 -16.85 13.60 -9.70
CA ASN A 161 -16.43 14.65 -8.76
C ASN A 161 -17.62 15.34 -8.09
N CYS A 162 -18.77 14.67 -8.02
CA CYS A 162 -20.00 15.24 -7.49
C CYS A 162 -20.78 14.12 -6.83
N TYR A 163 -20.51 13.90 -5.55
CA TYR A 163 -20.96 12.70 -4.85
C TYR A 163 -21.96 13.07 -3.76
N PHE A 164 -23.01 12.26 -3.63
CA PHE A 164 -23.89 12.39 -2.48
C PHE A 164 -23.07 12.12 -1.21
N PRO A 165 -23.17 12.97 -0.20
CA PRO A 165 -22.17 12.91 0.88
C PRO A 165 -22.39 11.76 1.84
N LEU A 166 -23.57 11.13 1.85
CA LEU A 166 -23.88 10.01 2.72
C LEU A 166 -23.84 8.71 1.94
N GLN A 167 -23.36 7.64 2.60
CA GLN A 167 -23.36 6.31 2.01
C GLN A 167 -24.00 5.32 2.97
N SER A 168 -24.58 4.26 2.42
CA SER A 168 -25.20 3.21 3.22
C SER A 168 -24.15 2.21 3.69
N TYR A 169 -24.28 1.77 4.94
CA TYR A 169 -23.60 0.54 5.33
C TYR A 169 -24.30 -0.64 4.65
N GLY A 170 -23.57 -1.70 4.41
CA GLY A 170 -24.17 -2.88 3.84
C GLY A 170 -24.12 -4.03 4.82
N PHE A 171 -25.12 -4.11 5.70
CA PHE A 171 -25.08 -5.07 6.79
C PHE A 171 -25.74 -6.37 6.34
N GLN A 172 -24.91 -7.40 6.18
CA GLN A 172 -25.38 -8.74 5.90
C GLN A 172 -25.01 -9.65 7.05
N PRO A 173 -25.85 -10.63 7.36
CA PRO A 173 -25.55 -11.54 8.48
C PRO A 173 -24.20 -12.23 8.35
N THR A 174 -23.76 -12.51 7.12
CA THR A 174 -22.51 -13.23 6.90
C THR A 174 -21.30 -12.32 6.79
N ASN A 175 -21.46 -11.01 6.99
CA ASN A 175 -20.29 -10.14 7.06
C ASN A 175 -19.35 -10.58 8.18
N GLY A 176 -18.05 -10.35 7.96
CA GLY A 176 -17.11 -10.49 9.05
C GLY A 176 -17.39 -9.48 10.15
N VAL A 177 -16.90 -9.80 11.35
CA VAL A 177 -17.31 -9.07 12.54
C VAL A 177 -16.90 -7.60 12.45
N GLY A 178 -15.82 -7.30 11.73
CA GLY A 178 -15.47 -5.91 11.52
C GLY A 178 -16.45 -5.13 10.67
N TYR A 179 -17.27 -5.84 9.89
CA TYR A 179 -18.29 -5.20 9.06
C TYR A 179 -19.71 -5.46 9.57
N GLN A 180 -19.87 -6.00 10.77
CA GLN A 180 -21.20 -6.19 11.31
C GLN A 180 -21.66 -4.94 12.05
N PRO A 181 -22.96 -4.75 12.21
CA PRO A 181 -23.45 -3.54 12.87
C PRO A 181 -23.28 -3.61 14.38
N TYR A 182 -22.90 -2.47 14.96
CA TYR A 182 -22.81 -2.34 16.41
C TYR A 182 -23.67 -1.16 16.85
N ARG A 183 -24.43 -1.36 17.92
CA ARG A 183 -25.18 -0.28 18.55
C ARG A 183 -24.31 0.35 19.62
N VAL A 184 -24.30 1.67 19.66
CA VAL A 184 -23.41 2.44 20.52
C VAL A 184 -24.24 3.41 21.34
N VAL A 185 -23.94 3.52 22.62
CA VAL A 185 -24.51 4.53 23.49
C VAL A 185 -23.37 5.27 24.18
N VAL A 186 -23.39 6.59 24.13
CA VAL A 186 -22.38 7.42 24.78
C VAL A 186 -23.07 8.25 25.86
N LEU A 187 -22.62 8.07 27.10
CA LEU A 187 -23.12 8.83 28.24
C LEU A 187 -22.09 9.90 28.58
N SER A 188 -22.53 11.16 28.56
CA SER A 188 -21.68 12.27 28.97
C SER A 188 -22.37 13.05 30.07
N PHE A 189 -21.58 13.79 30.86
CA PHE A 189 -22.07 14.42 32.08
C PHE A 189 -21.68 15.90 32.09
N GLU A 190 -22.67 16.78 32.19
CA GLU A 190 -22.45 18.22 32.35
C GLU A 190 -21.94 18.50 33.77
N LEU A 191 -20.65 18.28 33.96
CA LEU A 191 -20.07 18.44 35.29
C LEU A 191 -20.13 19.90 35.74
N LEU A 192 -20.35 20.10 37.04
CA LEU A 192 -20.42 21.45 37.59
C LEU A 192 -19.03 21.95 37.99
N GLN B 1 8.38 4.30 31.51
CA GLN B 1 7.47 4.02 30.40
C GLN B 1 6.52 2.88 30.76
N VAL B 2 5.41 2.78 30.02
CA VAL B 2 4.45 1.72 30.29
C VAL B 2 5.01 0.38 29.81
N GLN B 3 4.90 -0.64 30.66
CA GLN B 3 5.42 -1.96 30.34
C GLN B 3 4.69 -3.01 31.16
N LEU B 4 4.27 -4.08 30.50
CA LEU B 4 3.50 -5.16 31.11
C LEU B 4 4.39 -6.40 31.21
N VAL B 5 4.81 -6.73 32.42
CA VAL B 5 5.63 -7.91 32.66
C VAL B 5 4.71 -9.09 32.95
N GLU B 6 4.87 -10.16 32.19
CA GLU B 6 3.89 -11.24 32.14
C GLU B 6 4.58 -12.56 32.44
N SER B 7 3.92 -13.40 33.26
CA SER B 7 4.48 -14.69 33.61
C SER B 7 3.39 -15.56 34.23
N GLY B 8 3.73 -16.82 34.45
CA GLY B 8 2.85 -17.77 35.12
C GLY B 8 2.30 -18.89 34.26
N GLY B 9 2.69 -18.99 32.98
CA GLY B 9 2.17 -20.01 32.10
C GLY B 9 2.86 -21.35 32.31
N GLY B 10 2.36 -22.35 31.58
CA GLY B 10 2.96 -23.67 31.63
C GLY B 10 1.98 -24.73 31.16
N LEU B 11 2.42 -25.98 31.28
CA LEU B 11 1.63 -27.15 30.91
C LEU B 11 0.90 -27.70 32.14
N VAL B 12 -0.36 -28.09 31.94
CA VAL B 12 -1.18 -28.61 33.02
C VAL B 12 -2.13 -29.66 32.43
N GLN B 13 -2.64 -30.52 33.31
CA GLN B 13 -3.58 -31.55 32.94
C GLN B 13 -5.00 -31.00 32.93
N PRO B 14 -5.92 -31.67 32.24
CA PRO B 14 -7.32 -31.22 32.26
C PRO B 14 -7.92 -31.30 33.67
N GLY B 15 -8.50 -30.19 34.11
CA GLY B 15 -9.04 -30.07 35.45
C GLY B 15 -8.14 -29.36 36.43
N GLY B 16 -6.86 -29.17 36.09
CA GLY B 16 -5.91 -28.54 36.98
C GLY B 16 -6.13 -27.04 37.09
N SER B 17 -5.11 -26.38 37.64
CA SER B 17 -5.15 -24.94 37.84
CA SER B 17 -5.14 -24.94 37.85
C SER B 17 -3.88 -24.31 37.32
N LEU B 18 -3.90 -22.98 37.22
CA LEU B 18 -2.75 -22.20 36.80
C LEU B 18 -3.01 -20.74 37.16
N ARG B 19 -1.99 -20.07 37.69
CA ARG B 19 -2.10 -18.69 38.13
C ARG B 19 -1.20 -17.81 37.28
N LEU B 20 -1.81 -16.99 36.43
CA LEU B 20 -1.13 -16.02 35.60
C LEU B 20 -1.03 -14.68 36.33
N SER B 21 -0.06 -13.87 35.92
CA SER B 21 0.16 -12.58 36.55
C SER B 21 0.62 -11.56 35.52
N CYS B 22 0.21 -10.32 35.72
CA CYS B 22 0.54 -9.20 34.84
C CYS B 22 0.99 -8.03 35.73
N ALA B 23 2.28 -7.72 35.69
CA ALA B 23 2.85 -6.66 36.51
C ALA B 23 2.96 -5.40 35.66
N ALA B 24 2.14 -4.40 35.98
CA ALA B 24 2.14 -3.14 35.26
C ALA B 24 3.11 -2.16 35.91
N SER B 25 3.74 -1.33 35.07
CA SER B 25 4.63 -0.28 35.55
C SER B 25 4.65 0.84 34.52
N GLY B 26 4.61 2.07 35.00
CA GLY B 26 4.60 3.23 34.14
C GLY B 26 3.29 3.99 34.10
N PHE B 27 2.32 3.64 34.93
CA PHE B 27 1.06 4.36 35.02
C PHE B 27 1.15 5.43 36.09
N THR B 28 0.85 6.68 35.72
CA THR B 28 0.88 7.78 36.68
C THR B 28 -0.19 7.59 37.75
N ASN B 29 -1.36 7.09 37.36
CA ASN B 29 -2.49 6.93 38.26
C ASN B 29 -3.10 5.56 38.05
N ASP B 30 -4.12 5.25 38.84
CA ASP B 30 -4.84 3.99 38.71
C ASP B 30 -5.92 4.03 37.63
N PHE B 31 -5.94 5.07 36.78
CA PHE B 31 -6.99 5.23 35.78
C PHE B 31 -6.54 4.53 34.49
N TYR B 32 -6.67 3.21 34.49
CA TYR B 32 -6.38 2.36 33.35
C TYR B 32 -7.08 1.04 33.57
N SER B 33 -7.17 0.24 32.51
CA SER B 33 -7.89 -1.03 32.58
C SER B 33 -7.01 -2.17 32.09
N ILE B 34 -7.15 -3.32 32.73
CA ILE B 34 -6.42 -4.52 32.37
C ILE B 34 -7.39 -5.52 31.76
N ALA B 35 -6.94 -6.19 30.70
CA ALA B 35 -7.71 -7.23 30.03
C ALA B 35 -6.81 -8.44 29.80
N TRP B 36 -7.43 -9.62 29.74
CA TRP B 36 -6.73 -10.85 29.40
C TRP B 36 -7.28 -11.38 28.08
N PHE B 37 -6.44 -11.44 27.07
CA PHE B 37 -6.76 -12.05 25.79
C PHE B 37 -6.06 -13.40 25.66
N ARG B 38 -6.64 -14.28 24.86
CA ARG B 38 -5.98 -15.54 24.51
C ARG B 38 -6.11 -15.78 23.01
N GLN B 39 -5.07 -16.35 22.43
CA GLN B 39 -4.97 -16.57 20.99
C GLN B 39 -4.77 -18.07 20.76
N ALA B 40 -5.86 -18.77 20.46
CA ALA B 40 -5.81 -20.19 20.16
C ALA B 40 -5.08 -20.43 18.83
N PRO B 41 -4.59 -21.65 18.59
CA PRO B 41 -3.93 -21.94 17.30
C PRO B 41 -4.82 -21.65 16.10
N GLY B 42 -4.48 -20.62 15.33
CA GLY B 42 -5.25 -20.22 14.17
C GLY B 42 -6.37 -19.24 14.45
N LYS B 43 -6.78 -19.10 15.71
CA LYS B 43 -7.86 -18.20 16.08
C LYS B 43 -7.31 -16.80 16.40
N GLU B 44 -8.24 -15.85 16.53
CA GLU B 44 -7.89 -14.46 16.80
C GLU B 44 -7.74 -14.22 18.30
N ARG B 45 -7.15 -13.08 18.64
CA ARG B 45 -7.09 -12.65 20.03
C ARG B 45 -8.50 -12.44 20.56
N GLU B 46 -8.80 -13.03 21.71
CA GLU B 46 -10.14 -13.01 22.28
C GLU B 46 -10.04 -12.75 23.76
N GLY B 47 -10.71 -11.69 24.23
CA GLY B 47 -10.73 -11.41 25.65
C GLY B 47 -11.52 -12.45 26.42
N VAL B 48 -11.10 -12.69 27.66
CA VAL B 48 -11.79 -13.64 28.52
C VAL B 48 -12.10 -13.02 29.88
N SER B 49 -11.23 -12.12 30.35
CA SER B 49 -11.42 -11.48 31.64
C SER B 49 -10.94 -10.03 31.58
N TRP B 50 -11.58 -9.18 32.36
CA TRP B 50 -11.28 -7.75 32.36
C TRP B 50 -11.26 -7.23 33.79
N LEU B 51 -10.53 -6.14 33.99
CA LEU B 51 -10.45 -5.50 35.30
C LEU B 51 -10.19 -4.02 35.10
N SER B 52 -11.19 -3.20 35.40
CA SER B 52 -10.98 -1.76 35.54
C SER B 52 -10.33 -1.51 36.89
N VAL B 53 -9.17 -0.85 36.89
CA VAL B 53 -8.38 -0.71 38.11
C VAL B 53 -8.97 0.33 39.05
N SER B 54 -9.35 1.49 38.51
CA SER B 54 -9.76 2.62 39.34
C SER B 54 -11.00 2.33 40.17
N ASP B 55 -11.79 1.33 39.80
CA ASP B 55 -12.91 0.90 40.62
C ASP B 55 -12.85 -0.57 41.00
N ASN B 56 -11.81 -1.29 40.56
CA ASN B 56 -11.56 -2.67 40.99
C ASN B 56 -12.78 -3.56 40.70
N THR B 57 -13.24 -3.52 39.45
CA THR B 57 -14.40 -4.29 39.06
C THR B 57 -14.02 -5.31 37.99
N PRO B 58 -14.19 -6.60 38.23
CA PRO B 58 -13.88 -7.62 37.23
C PRO B 58 -15.05 -7.89 36.28
N THR B 59 -14.72 -8.53 35.16
CA THR B 59 -15.70 -9.00 34.18
C THR B 59 -15.14 -10.23 33.49
N TYR B 60 -16.01 -11.17 33.12
CA TYR B 60 -15.62 -12.44 32.53
C TYR B 60 -16.53 -12.79 31.37
N VAL B 61 -16.02 -13.60 30.44
CA VAL B 61 -16.87 -14.21 29.42
C VAL B 61 -17.60 -15.42 30.02
N ASP B 62 -18.69 -15.81 29.35
CA ASP B 62 -19.54 -16.87 29.90
C ASP B 62 -18.81 -18.21 29.99
N SER B 63 -17.85 -18.45 29.09
CA SER B 63 -17.20 -19.76 29.04
C SER B 63 -16.31 -20.00 30.25
N VAL B 64 -15.69 -18.96 30.79
CA VAL B 64 -14.76 -19.06 31.90
C VAL B 64 -15.31 -18.41 33.17
N LYS B 65 -16.64 -18.30 33.29
CA LYS B 65 -17.25 -17.43 34.30
C LYS B 65 -16.96 -17.93 35.70
N ASP B 66 -17.28 -19.20 35.98
CA ASP B 66 -17.07 -19.77 37.31
C ASP B 66 -15.74 -20.49 37.45
N ARG B 67 -14.89 -20.43 36.43
CA ARG B 67 -13.61 -21.11 36.43
C ARG B 67 -12.42 -20.17 36.58
N PHE B 68 -12.53 -18.94 36.07
CA PHE B 68 -11.48 -17.94 36.19
C PHE B 68 -11.82 -16.91 37.27
N THR B 69 -10.78 -16.29 37.82
CA THR B 69 -10.93 -15.23 38.81
C THR B 69 -9.81 -14.23 38.58
N ILE B 70 -10.15 -12.96 38.32
CA ILE B 70 -9.17 -11.91 38.13
C ILE B 70 -9.21 -10.97 39.32
N SER B 71 -8.03 -10.56 39.78
CA SER B 71 -7.92 -9.68 40.94
C SER B 71 -6.59 -8.93 40.86
N ARG B 72 -6.43 -7.97 41.77
CA ARG B 72 -5.28 -7.08 41.74
C ARG B 72 -4.73 -6.87 43.14
N HIS B 73 -3.41 -6.96 43.28
CA HIS B 73 -2.72 -6.59 44.52
C HIS B 73 -2.09 -5.22 44.31
N ASN B 74 -2.47 -4.25 45.15
CA ASN B 74 -2.05 -2.88 44.97
C ASN B 74 -0.60 -2.64 45.36
N ALA B 75 -0.05 -3.48 46.25
CA ALA B 75 1.34 -3.29 46.69
C ALA B 75 2.31 -3.41 45.52
N ASN B 76 2.26 -4.52 44.79
CA ASN B 76 3.19 -4.79 43.70
C ASN B 76 2.68 -4.37 42.33
N ASN B 77 1.51 -3.75 42.25
CA ASN B 77 0.89 -3.34 40.98
C ASN B 77 0.83 -4.50 40.00
N THR B 78 0.20 -5.58 40.45
CA THR B 78 0.13 -6.83 39.70
C THR B 78 -1.30 -7.31 39.64
N VAL B 79 -1.72 -7.71 38.44
CA VAL B 79 -3.04 -8.31 38.22
C VAL B 79 -2.87 -9.81 38.10
N TYR B 80 -3.75 -10.57 38.74
CA TYR B 80 -3.69 -12.02 38.72
C TYR B 80 -4.92 -12.57 38.02
N LEU B 81 -4.77 -13.75 37.42
CA LEU B 81 -5.86 -14.46 36.76
C LEU B 81 -5.82 -15.92 37.22
N GLN B 82 -6.67 -16.26 38.20
CA GLN B 82 -6.71 -17.61 38.74
C GLN B 82 -7.57 -18.46 37.83
N MET B 83 -6.95 -19.43 37.16
CA MET B 83 -7.65 -20.29 36.20
C MET B 83 -7.82 -21.67 36.83
N ASN B 84 -9.04 -21.94 37.29
CA ASN B 84 -9.40 -23.24 37.85
C ASN B 84 -10.20 -24.04 36.84
N MET B 85 -10.18 -25.37 37.01
CA MET B 85 -10.92 -26.29 36.16
C MET B 85 -10.58 -26.11 34.68
N LEU B 86 -9.28 -26.11 34.38
CA LEU B 86 -8.80 -25.86 33.03
C LEU B 86 -9.20 -26.99 32.08
N LYS B 87 -9.47 -26.63 30.83
CA LYS B 87 -9.97 -27.52 29.81
C LYS B 87 -9.07 -27.47 28.58
N PRO B 88 -9.12 -28.49 27.72
CA PRO B 88 -8.32 -28.43 26.47
C PRO B 88 -8.70 -27.27 25.57
N GLU B 89 -9.89 -26.69 25.74
CA GLU B 89 -10.26 -25.51 24.97
C GLU B 89 -9.47 -24.28 25.39
N ASP B 90 -8.99 -24.26 26.63
CA ASP B 90 -8.24 -23.12 27.15
C ASP B 90 -6.80 -23.06 26.63
N THR B 91 -6.39 -24.01 25.80
CA THR B 91 -5.04 -24.03 25.26
C THR B 91 -4.87 -22.87 24.27
N ALA B 92 -4.07 -21.87 24.65
CA ALA B 92 -3.85 -20.69 23.83
C ALA B 92 -2.66 -19.93 24.39
N ILE B 93 -2.22 -18.93 23.64
CA ILE B 93 -1.20 -17.99 24.09
C ILE B 93 -1.93 -16.84 24.77
N TYR B 94 -1.76 -16.70 26.07
CA TYR B 94 -2.47 -15.71 26.86
C TYR B 94 -1.70 -14.40 26.92
N TYR B 95 -2.37 -13.30 26.61
CA TYR B 95 -1.80 -11.95 26.70
C TYR B 95 -2.58 -11.13 27.73
N CYS B 96 -1.90 -10.20 28.37
CA CYS B 96 -2.56 -9.16 29.13
C CYS B 96 -2.34 -7.82 28.44
N ALA B 97 -3.39 -7.00 28.43
CA ALA B 97 -3.39 -5.74 27.73
C ALA B 97 -3.87 -4.63 28.67
N ALA B 98 -3.46 -3.40 28.36
CA ALA B 98 -3.82 -2.25 29.17
C ALA B 98 -4.23 -1.09 28.26
N GLY B 99 -5.23 -0.33 28.69
CA GLY B 99 -5.68 0.82 27.95
C GLY B 99 -5.88 2.02 28.87
N ARG B 100 -5.79 3.21 28.28
CA ARG B 100 -5.91 4.47 29.03
C ARG B 100 -7.37 4.88 29.18
N PHE B 101 -8.11 4.03 29.89
CA PHE B 101 -9.52 4.23 30.14
C PHE B 101 -9.92 3.33 31.31
N ALA B 102 -11.08 3.61 31.88
CA ALA B 102 -11.66 2.78 32.93
C ALA B 102 -12.76 1.94 32.31
N GLY B 103 -12.50 0.66 32.15
CA GLY B 103 -13.52 -0.22 31.63
C GLY B 103 -13.03 -1.47 30.92
N ARG B 104 -13.71 -1.86 29.85
CA ARG B 104 -13.35 -3.07 29.14
C ARG B 104 -13.76 -2.92 27.68
N ASP B 105 -13.13 -3.74 26.83
CA ASP B 105 -13.47 -3.78 25.42
C ASP B 105 -13.04 -5.13 24.86
N THR B 106 -13.84 -5.64 23.93
CA THR B 106 -13.50 -6.88 23.25
C THR B 106 -12.63 -6.64 22.02
N TRP B 107 -12.49 -5.39 21.55
CA TRP B 107 -11.68 -5.11 20.38
C TRP B 107 -10.23 -4.90 20.80
N PRO B 108 -9.28 -5.66 20.25
CA PRO B 108 -7.88 -5.46 20.62
C PRO B 108 -7.33 -4.08 20.29
N SER B 109 -7.94 -3.37 19.32
CA SER B 109 -7.43 -2.07 18.93
C SER B 109 -7.70 -0.98 19.96
N SER B 110 -8.36 -1.30 21.07
CA SER B 110 -8.62 -0.33 22.13
C SER B 110 -7.55 -0.33 23.20
N TYR B 111 -6.68 -1.33 23.22
CA TYR B 111 -5.57 -1.42 24.16
C TYR B 111 -4.28 -1.17 23.39
N ASP B 112 -3.48 -0.22 23.86
CA ASP B 112 -2.23 0.14 23.21
C ASP B 112 -1.01 -0.53 23.82
N TYR B 113 -1.16 -1.15 24.99
CA TYR B 113 -0.04 -1.75 25.71
C TYR B 113 -0.31 -3.23 25.90
N TRP B 114 0.63 -4.05 25.45
CA TRP B 114 0.52 -5.50 25.50
C TRP B 114 1.81 -6.08 26.04
N GLY B 115 1.71 -7.31 26.52
CA GLY B 115 2.88 -8.11 26.85
C GLY B 115 2.95 -9.29 25.89
N GLN B 116 4.16 -9.63 25.48
CA GLN B 116 4.33 -10.82 24.65
C GLN B 116 3.96 -12.05 25.46
N GLY B 117 2.89 -12.72 25.04
CA GLY B 117 2.17 -13.60 25.92
C GLY B 117 2.96 -14.82 26.36
N THR B 118 2.41 -15.45 27.40
CA THR B 118 2.92 -16.71 27.93
C THR B 118 2.08 -17.86 27.37
N GLN B 119 2.73 -18.98 27.09
CA GLN B 119 2.04 -20.13 26.52
C GLN B 119 1.31 -20.91 27.62
N VAL B 120 0.07 -21.30 27.33
CA VAL B 120 -0.74 -22.14 28.20
C VAL B 120 -1.26 -23.32 27.39
N THR B 121 -0.94 -24.54 27.84
CA THR B 121 -1.38 -25.76 27.17
C THR B 121 -2.05 -26.67 28.18
N VAL B 122 -3.20 -27.25 27.80
CA VAL B 122 -3.96 -28.16 28.64
C VAL B 122 -4.19 -29.45 27.88
N SER B 123 -3.50 -30.53 28.28
CA SER B 123 -3.66 -31.83 27.66
C SER B 123 -3.24 -32.90 28.66
N SER B 124 -3.38 -34.16 28.26
CA SER B 124 -3.05 -35.29 29.13
C SER B 124 -2.17 -36.32 28.40
N GLU C 1 -8.79 19.58 -17.78
CA GLU C 1 -8.41 18.17 -17.76
C GLU C 1 -8.07 17.75 -16.33
N VAL C 2 -8.33 16.50 -16.01
CA VAL C 2 -8.08 15.98 -14.67
C VAL C 2 -6.71 15.34 -14.64
N GLN C 3 -5.87 15.79 -13.72
CA GLN C 3 -4.47 15.41 -13.73
C GLN C 3 -3.89 15.60 -12.34
N LEU C 4 -2.98 14.71 -11.99
CA LEU C 4 -2.06 14.91 -10.88
C LEU C 4 -0.64 14.91 -11.45
N VAL C 5 0.20 15.81 -10.95
CA VAL C 5 1.58 15.93 -11.42
C VAL C 5 2.48 16.03 -10.20
N GLU C 6 3.37 15.04 -10.02
CA GLU C 6 4.37 15.08 -8.96
C GLU C 6 5.65 15.72 -9.47
N SER C 7 6.34 16.42 -8.56
CA SER C 7 7.67 16.92 -8.85
C SER C 7 8.45 17.00 -7.53
N GLY C 8 9.73 17.34 -7.64
CA GLY C 8 10.60 17.50 -6.50
C GLY C 8 11.49 16.33 -6.17
N GLY C 9 11.38 15.21 -6.88
CA GLY C 9 12.22 14.06 -6.59
C GLY C 9 13.63 14.23 -7.15
N GLY C 10 14.62 13.78 -6.37
CA GLY C 10 15.97 13.83 -6.88
C GLY C 10 16.93 13.07 -5.99
N LEU C 11 18.21 13.30 -6.24
CA LEU C 11 19.26 12.67 -5.46
C LEU C 11 19.42 13.38 -4.12
N VAL C 12 19.44 12.61 -3.04
CA VAL C 12 19.62 13.15 -1.69
C VAL C 12 20.46 12.17 -0.89
N GLU C 13 21.31 12.69 -0.02
CA GLU C 13 22.17 11.80 0.76
C GLU C 13 21.39 11.19 1.92
N PRO C 14 21.82 10.02 2.40
CA PRO C 14 21.16 9.42 3.57
C PRO C 14 21.16 10.38 4.74
N GLY C 15 20.03 10.43 5.45
CA GLY C 15 19.85 11.38 6.53
C GLY C 15 19.46 12.77 6.10
N GLY C 16 19.37 13.03 4.78
CA GLY C 16 18.90 14.31 4.30
C GLY C 16 17.38 14.37 4.26
N SER C 17 16.87 15.52 3.83
CA SER C 17 15.44 15.73 3.74
C SER C 17 15.09 16.29 2.37
N LEU C 18 13.82 16.18 2.01
CA LEU C 18 13.38 16.52 0.67
C LEU C 18 11.87 16.65 0.67
N ARG C 19 11.36 17.53 -0.18
CA ARG C 19 9.92 17.80 -0.24
C ARG C 19 9.40 17.57 -1.65
N LEU C 20 8.39 16.71 -1.77
CA LEU C 20 7.73 16.45 -3.03
C LEU C 20 6.43 17.25 -3.13
N SER C 21 6.04 17.55 -4.35
CA SER C 21 4.79 18.22 -4.62
C SER C 21 3.88 17.32 -5.45
N CYS C 22 2.58 17.54 -5.29
CA CYS C 22 1.56 16.89 -6.09
C CYS C 22 0.61 18.00 -6.47
N ALA C 23 0.73 18.49 -7.71
CA ALA C 23 -0.07 19.59 -8.20
C ALA C 23 -1.21 19.03 -9.04
N ALA C 24 -2.44 19.39 -8.69
CA ALA C 24 -3.62 18.83 -9.32
C ALA C 24 -4.27 19.85 -10.24
N SER C 25 -5.09 19.33 -11.16
CA SER C 25 -5.96 20.11 -12.02
C SER C 25 -7.27 19.36 -12.14
N GLY C 26 -8.37 20.06 -11.95
CA GLY C 26 -9.66 19.38 -12.00
C GLY C 26 -10.03 18.84 -10.63
N ILE C 27 -9.18 17.99 -10.08
CA ILE C 27 -9.35 17.53 -8.69
C ILE C 27 -8.92 18.66 -7.75
N THR C 28 -9.71 18.87 -6.70
CA THR C 28 -9.32 19.81 -5.64
C THR C 28 -8.63 19.01 -4.54
N VAL C 29 -7.30 19.19 -4.43
CA VAL C 29 -6.52 18.38 -3.50
C VAL C 29 -7.13 18.43 -2.10
N SER C 30 -7.50 19.62 -1.63
CA SER C 30 -7.95 19.73 -0.25
C SER C 30 -9.37 19.20 -0.05
N SER C 31 -10.08 18.83 -1.11
CA SER C 31 -11.40 18.24 -0.95
C SER C 31 -11.40 16.72 -1.08
N ASN C 32 -10.23 16.08 -1.20
CA ASN C 32 -10.19 14.67 -1.55
C ASN C 32 -9.34 13.87 -0.57
N TYR C 33 -9.58 12.56 -0.58
CA TYR C 33 -8.68 11.60 0.04
C TYR C 33 -7.47 11.45 -0.87
N MET C 34 -6.34 12.01 -0.47
CA MET C 34 -5.14 12.04 -1.29
C MET C 34 -4.07 11.15 -0.67
N HIS C 35 -3.48 10.27 -1.48
CA HIS C 35 -2.48 9.29 -1.06
C HIS C 35 -1.12 9.58 -1.67
N TRP C 36 -0.09 9.11 -0.99
CA TRP C 36 1.23 8.91 -1.60
C TRP C 36 1.50 7.42 -1.65
N VAL C 37 1.93 6.93 -2.81
CA VAL C 37 2.25 5.53 -3.03
C VAL C 37 3.60 5.46 -3.72
N ARG C 38 4.48 4.59 -3.24
CA ARG C 38 5.83 4.52 -3.79
C ARG C 38 6.15 3.13 -4.33
N GLN C 39 7.13 3.08 -5.22
CA GLN C 39 7.51 1.85 -5.89
C GLN C 39 9.02 1.84 -6.02
N ALA C 40 9.68 0.96 -5.27
CA ALA C 40 11.12 0.84 -5.40
C ALA C 40 11.46 0.26 -6.77
N PRO C 41 12.66 0.54 -7.29
CA PRO C 41 13.02 0.02 -8.62
C PRO C 41 12.83 -1.49 -8.72
N GLY C 42 12.01 -1.92 -9.69
CA GLY C 42 11.79 -3.33 -9.94
C GLY C 42 10.91 -4.03 -8.92
N ARG C 43 10.26 -3.28 -8.02
CA ARG C 43 9.47 -3.84 -6.93
C ARG C 43 8.00 -3.49 -7.13
N GLY C 44 7.17 -3.90 -6.15
CA GLY C 44 5.75 -3.63 -6.19
C GLY C 44 5.39 -2.32 -5.53
N LEU C 45 4.11 -1.99 -5.58
CA LEU C 45 3.61 -0.76 -5.00
C LEU C 45 3.55 -0.88 -3.47
N GLU C 46 3.77 0.24 -2.80
CA GLU C 46 3.74 0.31 -1.34
C GLU C 46 3.12 1.64 -0.93
N TRP C 47 1.98 1.56 -0.24
CA TRP C 47 1.32 2.76 0.28
C TRP C 47 2.22 3.49 1.27
N VAL C 48 2.19 4.82 1.23
CA VAL C 48 3.05 5.66 2.07
C VAL C 48 2.23 6.52 3.03
N SER C 49 1.15 7.13 2.55
CA SER C 49 0.47 8.12 3.38
C SER C 49 -0.88 8.48 2.77
N LEU C 50 -1.69 9.15 3.58
CA LEU C 50 -3.04 9.55 3.20
C LEU C 50 -3.41 10.78 4.01
N ILE C 51 -4.06 11.76 3.36
CA ILE C 51 -4.63 12.89 4.07
C ILE C 51 -6.10 13.03 3.67
N TYR C 52 -6.98 13.11 4.68
CA TYR C 52 -8.39 13.39 4.52
C TYR C 52 -8.59 14.86 4.15
N SER C 53 -9.68 15.13 3.42
CA SER C 53 -10.06 16.52 3.16
C SER C 53 -10.09 17.33 4.46
N GLY C 54 -10.56 16.73 5.54
CA GLY C 54 -10.60 17.45 6.81
C GLY C 54 -9.27 17.62 7.51
N GLY C 55 -8.18 17.04 7.01
CA GLY C 55 -6.86 17.24 7.58
C GLY C 55 -6.25 16.02 8.27
N SER C 56 -7.05 15.02 8.66
CA SER C 56 -6.46 13.83 9.29
C SER C 56 -5.43 13.18 8.38
N THR C 57 -4.29 12.80 8.95
CA THR C 57 -3.23 12.15 8.20
C THR C 57 -2.92 10.77 8.78
N PHE C 58 -2.51 9.86 7.89
CA PHE C 58 -2.11 8.52 8.25
C PHE C 58 -0.86 8.18 7.46
N PHE C 59 0.05 7.42 8.08
CA PHE C 59 1.36 7.12 7.51
C PHE C 59 1.72 5.66 7.73
N ALA C 60 2.43 5.10 6.76
CA ALA C 60 2.96 3.75 6.91
C ALA C 60 3.97 3.70 8.06
N GLU C 61 4.09 2.54 8.68
CA GLU C 61 5.00 2.39 9.81
C GLU C 61 6.45 2.67 9.42
N SER C 62 6.85 2.34 8.20
CA SER C 62 8.24 2.56 7.82
C SER C 62 8.60 4.04 7.79
N VAL C 63 7.64 4.93 7.52
CA VAL C 63 7.91 6.35 7.41
C VAL C 63 7.31 7.16 8.53
N LYS C 64 6.69 6.51 9.51
CA LYS C 64 6.03 7.24 10.60
C LYS C 64 7.05 8.03 11.40
N GLY C 65 6.77 9.31 11.61
CA GLY C 65 7.67 10.19 12.33
C GLY C 65 8.71 10.89 11.46
N ARG C 66 8.91 10.43 10.23
CA ARG C 66 9.85 11.08 9.32
C ARG C 66 9.17 11.86 8.21
N PHE C 67 7.98 11.45 7.80
CA PHE C 67 7.25 12.09 6.72
C PHE C 67 6.09 12.89 7.29
N THR C 68 5.78 14.02 6.65
CA THR C 68 4.60 14.80 7.00
C THR C 68 3.96 15.32 5.72
N ILE C 69 2.71 15.74 5.83
CA ILE C 69 1.94 16.18 4.67
C ILE C 69 1.47 17.61 4.91
N SER C 70 1.61 18.44 3.87
CA SER C 70 1.22 19.84 3.87
C SER C 70 0.31 20.07 2.66
N ARG C 71 -0.55 21.08 2.74
CA ARG C 71 -1.42 21.40 1.62
C ARG C 71 -1.43 22.91 1.41
N ASP C 72 -1.35 23.32 0.15
CA ASP C 72 -1.45 24.72 -0.24
C ASP C 72 -2.68 24.82 -1.13
N ASN C 73 -3.80 25.23 -0.53
CA ASN C 73 -5.06 25.22 -1.25
C ASN C 73 -5.06 26.21 -2.42
N SER C 74 -4.32 27.32 -2.29
CA SER C 74 -4.31 28.31 -3.36
C SER C 74 -3.47 27.88 -4.56
N LYS C 75 -2.59 26.88 -4.40
CA LYS C 75 -1.90 26.27 -5.51
C LYS C 75 -2.46 24.90 -5.86
N ASN C 76 -3.55 24.49 -5.22
CA ASN C 76 -4.15 23.17 -5.42
C ASN C 76 -3.07 22.10 -5.42
N THR C 77 -2.25 22.11 -4.38
CA THR C 77 -1.06 21.26 -4.28
C THR C 77 -0.97 20.61 -2.90
N MET C 78 -0.55 19.36 -2.89
CA MET C 78 -0.22 18.60 -1.70
C MET C 78 1.29 18.39 -1.65
N TYR C 79 1.88 18.49 -0.46
CA TYR C 79 3.31 18.30 -0.28
C TYR C 79 3.57 17.11 0.65
N LEU C 80 4.62 16.36 0.34
CA LEU C 80 5.15 15.33 1.23
C LEU C 80 6.54 15.78 1.67
N GLN C 81 6.68 16.12 2.94
CA GLN C 81 7.98 16.51 3.50
C GLN C 81 8.64 15.27 4.06
N MET C 82 9.80 14.90 3.51
CA MET C 82 10.48 13.68 3.89
C MET C 82 11.75 14.03 4.64
N ASN C 83 11.86 13.58 5.88
CA ASN C 83 13.04 13.81 6.70
C ASN C 83 13.76 12.51 6.98
N SER C 84 15.04 12.62 7.31
CA SER C 84 15.89 11.50 7.73
C SER C 84 15.75 10.32 6.76
N LEU C 85 15.92 10.64 5.47
CA LEU C 85 15.76 9.67 4.40
C LEU C 85 16.75 8.52 4.54
N ARG C 86 16.30 7.32 4.22
CA ARG C 86 17.12 6.12 4.22
C ARG C 86 17.26 5.61 2.79
N VAL C 87 18.29 4.78 2.58
CA VAL C 87 18.49 4.18 1.26
C VAL C 87 17.22 3.48 0.79
N GLU C 88 16.60 2.69 1.68
CA GLU C 88 15.41 1.94 1.31
C GLU C 88 14.19 2.82 1.08
N ASP C 89 14.29 4.15 1.26
CA ASP C 89 13.25 5.05 0.80
C ASP C 89 13.35 5.34 -0.70
N THR C 90 14.39 4.84 -1.36
CA THR C 90 14.56 5.09 -2.79
C THR C 90 13.42 4.47 -3.56
N ALA C 91 12.67 5.29 -4.29
CA ALA C 91 11.55 4.78 -5.09
C ALA C 91 11.04 5.89 -5.98
N VAL C 92 10.18 5.51 -6.91
CA VAL C 92 9.30 6.47 -7.58
C VAL C 92 8.11 6.73 -6.66
N TYR C 93 7.81 8.00 -6.42
CA TYR C 93 6.69 8.38 -5.58
C TYR C 93 5.55 8.88 -6.44
N TYR C 94 4.37 8.30 -6.27
CA TYR C 94 3.14 8.77 -6.86
C TYR C 94 2.26 9.38 -5.79
N CYS C 95 1.52 10.42 -6.17
CA CYS C 95 0.31 10.78 -5.46
C CYS C 95 -0.89 10.24 -6.22
N ALA C 96 -1.97 9.98 -5.49
CA ALA C 96 -3.16 9.43 -6.09
C ALA C 96 -4.37 9.95 -5.32
N ARG C 97 -5.48 10.09 -6.03
CA ARG C 97 -6.75 10.46 -5.44
C ARG C 97 -7.59 9.20 -5.30
N GLU C 98 -8.12 8.99 -4.10
CA GLU C 98 -9.05 7.89 -3.86
C GLU C 98 -10.46 8.43 -3.67
N VAL C 99 -11.43 7.78 -4.29
CA VAL C 99 -12.83 7.96 -3.94
C VAL C 99 -13.24 6.70 -3.18
N PRO C 100 -13.15 6.68 -1.84
CA PRO C 100 -13.23 5.40 -1.11
C PRO C 100 -14.61 4.79 -1.22
N ARG C 101 -14.64 3.46 -1.05
CA ARG C 101 -15.86 2.67 -0.90
C ARG C 101 -16.62 2.56 -2.22
N ILE C 102 -16.88 3.68 -2.89
CA ILE C 102 -17.62 3.61 -4.15
C ILE C 102 -16.71 3.53 -5.36
N SER C 103 -15.43 3.82 -5.23
CA SER C 103 -14.51 3.67 -6.36
C SER C 103 -13.15 3.26 -5.81
N GLY C 104 -12.10 3.52 -6.60
CA GLY C 104 -10.75 3.18 -6.22
C GLY C 104 -9.85 4.39 -6.31
N TYR C 105 -8.53 4.17 -6.39
CA TYR C 105 -7.56 5.23 -6.65
C TYR C 105 -7.61 5.51 -8.14
N ASP C 106 -8.42 6.48 -8.56
CA ASP C 106 -8.73 6.59 -9.98
C ASP C 106 -7.78 7.50 -10.75
N TYR C 107 -7.12 8.46 -10.11
CA TYR C 107 -6.09 9.27 -10.77
C TYR C 107 -4.77 9.13 -10.06
N TRP C 108 -3.72 8.94 -10.85
CA TRP C 108 -2.34 8.92 -10.40
C TRP C 108 -1.53 9.86 -11.27
N GLY C 109 -0.51 10.48 -10.68
CA GLY C 109 0.44 11.23 -11.47
C GLY C 109 1.46 10.31 -12.14
N GLN C 110 2.36 10.92 -12.92
CA GLN C 110 3.36 10.14 -13.63
C GLN C 110 4.44 9.60 -12.70
N GLY C 111 4.56 10.14 -11.49
CA GLY C 111 5.59 9.70 -10.57
C GLY C 111 6.79 10.61 -10.60
N THR C 112 7.49 10.69 -9.47
CA THR C 112 8.74 11.43 -9.37
C THR C 112 9.76 10.59 -8.61
N LEU C 113 10.97 10.50 -9.16
CA LEU C 113 11.99 9.56 -8.68
C LEU C 113 12.79 10.18 -7.55
N VAL C 114 12.84 9.49 -6.41
CA VAL C 114 13.70 9.88 -5.29
C VAL C 114 14.82 8.87 -5.16
N THR C 115 16.06 9.34 -5.19
CA THR C 115 17.22 8.47 -5.04
C THR C 115 17.97 8.88 -3.77
N VAL C 116 17.98 8.01 -2.78
CA VAL C 116 18.70 8.24 -1.53
C VAL C 116 20.00 7.46 -1.60
N SER C 117 21.13 8.17 -1.65
CA SER C 117 22.42 7.54 -1.91
C SER C 117 23.53 8.51 -1.54
N SER C 118 24.68 7.94 -1.15
CA SER C 118 25.88 8.72 -0.90
C SER C 118 26.64 9.07 -2.17
N ALA C 119 26.29 8.45 -3.29
CA ALA C 119 27.00 8.70 -4.54
C ALA C 119 26.68 10.10 -5.08
N SER C 120 27.65 10.69 -5.74
CA SER C 120 27.51 12.03 -6.28
C SER C 120 27.05 11.99 -7.73
N THR C 121 26.51 13.11 -8.18
CA THR C 121 26.05 13.26 -9.55
C THR C 121 27.22 13.19 -10.51
N LYS C 122 27.06 12.42 -11.59
CA LYS C 122 28.00 12.43 -12.70
C LYS C 122 27.22 12.35 -14.00
N GLY C 123 27.61 13.19 -14.96
CA GLY C 123 26.99 13.21 -16.26
C GLY C 123 27.55 12.13 -17.16
N PRO C 124 26.75 11.69 -18.13
CA PRO C 124 27.17 10.58 -18.98
C PRO C 124 28.17 11.00 -20.05
N SER C 125 28.93 10.01 -20.49
CA SER C 125 29.65 10.04 -21.75
C SER C 125 28.81 9.33 -22.80
N VAL C 126 28.77 9.90 -24.01
CA VAL C 126 27.95 9.36 -25.10
C VAL C 126 28.88 8.95 -26.23
N PHE C 127 28.82 7.67 -26.59
CA PHE C 127 29.69 7.16 -27.63
C PHE C 127 28.88 6.56 -28.77
N PRO C 128 29.35 6.69 -30.01
CA PRO C 128 28.61 6.12 -31.12
C PRO C 128 28.67 4.61 -31.10
N LEU C 129 27.59 3.98 -31.54
CA LEU C 129 27.54 2.58 -31.93
C LEU C 129 27.41 2.59 -33.46
N ALA C 130 28.54 2.55 -34.15
CA ALA C 130 28.55 2.80 -35.58
C ALA C 130 27.92 1.65 -36.34
N PRO C 131 27.13 1.92 -37.38
CA PRO C 131 26.61 0.85 -38.23
C PRO C 131 27.69 0.34 -39.19
N SER C 132 27.46 -0.87 -39.68
CA SER C 132 28.45 -1.54 -40.52
C SER C 132 27.77 -2.72 -41.20
N SER C 133 28.57 -3.50 -41.94
CA SER C 133 28.07 -4.77 -42.44
C SER C 133 27.70 -5.71 -41.29
N LYS C 134 28.55 -5.78 -40.26
CA LYS C 134 28.25 -6.59 -39.08
C LYS C 134 27.01 -6.09 -38.32
N SER C 135 26.47 -4.95 -38.72
CA SER C 135 25.25 -4.39 -38.17
C SER C 135 24.08 -4.47 -39.16
N THR C 136 24.29 -5.08 -40.32
CA THR C 136 23.34 -5.08 -41.42
C THR C 136 22.79 -6.48 -41.62
N SER C 137 21.46 -6.58 -41.70
CA SER C 137 20.79 -7.86 -41.87
C SER C 137 19.42 -7.59 -42.51
N GLY C 138 19.08 -8.39 -43.51
CA GLY C 138 17.75 -8.29 -44.10
C GLY C 138 17.38 -6.90 -44.58
N GLY C 139 18.33 -6.19 -45.17
CA GLY C 139 18.09 -4.85 -45.66
C GLY C 139 18.06 -3.76 -44.62
N THR C 140 18.23 -4.11 -43.34
CA THR C 140 18.27 -3.11 -42.28
C THR C 140 19.67 -3.06 -41.67
N ALA C 141 19.96 -1.94 -41.03
CA ALA C 141 21.23 -1.76 -40.32
C ALA C 141 20.94 -1.14 -38.96
N ALA C 142 21.70 -1.54 -37.96
CA ALA C 142 21.51 -1.06 -36.60
C ALA C 142 22.62 -0.09 -36.22
N LEU C 143 22.24 1.01 -35.60
CA LEU C 143 23.19 1.98 -35.08
C LEU C 143 22.63 2.49 -33.77
N GLY C 144 23.51 3.06 -32.95
CA GLY C 144 23.04 3.49 -31.65
C GLY C 144 24.01 4.41 -30.96
N CYS C 145 23.70 4.69 -29.70
CA CYS C 145 24.51 5.51 -28.82
C CYS C 145 24.68 4.77 -27.50
N LEU C 146 25.90 4.77 -26.98
CA LEU C 146 26.18 4.17 -25.68
C LEU C 146 26.27 5.30 -24.67
N VAL C 147 25.28 5.39 -23.79
CA VAL C 147 25.19 6.43 -22.77
C VAL C 147 25.77 5.84 -21.49
N LYS C 148 27.03 6.13 -21.21
CA LYS C 148 27.80 5.37 -20.24
C LYS C 148 28.16 6.22 -19.03
N ASP C 149 28.13 5.61 -17.85
CA ASP C 149 28.70 6.17 -16.63
C ASP C 149 28.01 7.44 -16.15
N TYR C 150 26.75 7.35 -15.74
CA TYR C 150 26.06 8.51 -15.21
C TYR C 150 25.35 8.15 -13.92
N PHE C 151 25.09 9.17 -13.10
CA PHE C 151 24.34 8.97 -11.86
C PHE C 151 23.72 10.30 -11.45
N PRO C 152 22.46 10.31 -10.98
CA PRO C 152 21.52 9.19 -10.84
C PRO C 152 20.66 9.01 -12.09
N GLU C 153 19.63 8.20 -12.02
CA GLU C 153 18.64 8.11 -13.08
C GLU C 153 17.81 9.40 -13.11
N PRO C 154 17.17 9.71 -14.23
CA PRO C 154 17.16 9.00 -15.53
C PRO C 154 17.89 9.76 -16.61
N VAL C 155 18.06 9.17 -17.78
CA VAL C 155 18.43 9.92 -18.98
C VAL C 155 17.28 9.77 -19.96
N THR C 156 17.23 10.70 -20.91
CA THR C 156 16.32 10.60 -22.04
C THR C 156 17.13 10.61 -23.32
N VAL C 157 16.71 9.82 -24.30
CA VAL C 157 17.36 9.72 -25.59
C VAL C 157 16.32 9.83 -26.67
N SER C 158 16.54 10.72 -27.63
CA SER C 158 15.77 10.75 -28.86
C SER C 158 16.73 10.75 -30.05
N TRP C 159 16.17 10.53 -31.23
CA TRP C 159 16.94 10.44 -32.46
C TRP C 159 16.44 11.47 -33.46
N ASN C 160 17.37 12.25 -34.02
CA ASN C 160 17.07 13.32 -34.96
C ASN C 160 16.00 14.26 -34.41
N SER C 161 16.09 14.53 -33.09
CA SER C 161 15.19 15.45 -32.40
C SER C 161 13.73 15.01 -32.50
N GLY C 162 13.50 13.69 -32.43
CA GLY C 162 12.16 13.15 -32.46
C GLY C 162 11.64 12.76 -33.83
N ALA C 163 12.34 13.12 -34.90
CA ALA C 163 11.89 12.78 -36.25
C ALA C 163 12.02 11.29 -36.54
N LEU C 164 12.87 10.59 -35.81
CA LEU C 164 13.12 9.16 -35.99
C LEU C 164 12.62 8.45 -34.74
N THR C 165 11.46 7.81 -34.85
CA THR C 165 10.90 7.06 -33.74
C THR C 165 10.71 5.58 -34.06
N SER C 166 10.49 5.24 -35.33
CA SER C 166 10.25 3.86 -35.71
C SER C 166 11.55 3.07 -35.59
N GLY C 167 11.48 1.92 -34.92
CA GLY C 167 12.64 1.06 -34.80
C GLY C 167 13.64 1.45 -33.74
N VAL C 168 13.25 2.27 -32.77
CA VAL C 168 14.14 2.71 -31.69
C VAL C 168 13.92 1.80 -30.48
N HIS C 169 14.99 1.18 -30.00
CA HIS C 169 15.02 0.48 -28.73
C HIS C 169 16.01 1.18 -27.81
N THR C 170 15.50 1.83 -26.77
CA THR C 170 16.35 2.37 -25.71
C THR C 170 16.28 1.41 -24.54
N PHE C 171 17.36 0.69 -24.33
CA PHE C 171 17.38 -0.36 -23.32
C PHE C 171 17.33 0.24 -21.93
N PRO C 172 16.69 -0.43 -20.97
CA PRO C 172 16.71 0.08 -19.59
C PRO C 172 18.12 0.10 -19.03
N ALA C 173 18.42 1.17 -18.30
CA ALA C 173 19.73 1.32 -17.69
C ALA C 173 20.01 0.16 -16.74
N VAL C 174 21.28 -0.18 -16.60
CA VAL C 174 21.75 -1.14 -15.60
C VAL C 174 22.82 -0.46 -14.77
N LEU C 175 22.83 -0.77 -13.48
CA LEU C 175 23.80 -0.20 -12.54
C LEU C 175 25.08 -1.02 -12.61
N GLN C 176 26.16 -0.42 -13.11
CA GLN C 176 27.41 -1.14 -13.23
C GLN C 176 28.04 -1.34 -11.86
N SER C 177 29.10 -2.15 -11.83
CA SER C 177 29.79 -2.42 -10.58
C SER C 177 30.46 -1.17 -10.01
N SER C 178 30.64 -0.14 -10.81
CA SER C 178 31.20 1.12 -10.34
C SER C 178 30.20 1.99 -9.59
N GLY C 179 28.92 1.62 -9.58
CA GLY C 179 27.90 2.49 -9.03
C GLY C 179 27.33 3.49 -10.01
N LEU C 180 27.71 3.42 -11.28
CA LEU C 180 27.20 4.29 -12.32
C LEU C 180 26.32 3.49 -13.27
N TYR C 181 25.27 4.13 -13.76
CA TYR C 181 24.38 3.51 -14.72
C TYR C 181 24.98 3.56 -16.12
N SER C 182 24.52 2.64 -16.96
CA SER C 182 24.90 2.65 -18.36
C SER C 182 23.73 2.14 -19.19
N LEU C 183 23.65 2.62 -20.42
CA LEU C 183 22.52 2.29 -21.27
C LEU C 183 22.94 2.48 -22.73
N SER C 184 22.32 1.71 -23.61
CA SER C 184 22.43 1.91 -25.05
C SER C 184 21.06 2.21 -25.62
N SER C 185 21.04 3.04 -26.65
CA SER C 185 19.83 3.32 -27.43
C SER C 185 20.18 3.04 -28.88
N VAL C 186 19.55 2.02 -29.47
CA VAL C 186 19.83 1.64 -30.84
C VAL C 186 18.59 1.83 -31.70
N VAL C 187 18.84 2.02 -32.99
CA VAL C 187 17.78 2.18 -33.98
C VAL C 187 18.17 1.40 -35.21
N THR C 188 17.21 0.68 -35.79
CA THR C 188 17.43 -0.05 -37.04
C THR C 188 16.83 0.76 -38.19
N VAL C 189 17.64 0.98 -39.21
CA VAL C 189 17.25 1.79 -40.37
C VAL C 189 17.55 0.98 -41.62
N PRO C 190 17.03 1.39 -42.78
CA PRO C 190 17.41 0.69 -44.02
C PRO C 190 18.86 0.97 -44.37
N SER C 191 19.59 -0.09 -44.68
CA SER C 191 21.00 0.02 -45.03
C SER C 191 21.21 1.01 -46.17
N SER C 192 20.22 1.20 -47.03
CA SER C 192 20.37 2.09 -48.18
C SER C 192 20.64 3.53 -47.77
N SER C 193 20.34 3.92 -46.54
CA SER C 193 20.44 5.30 -46.09
C SER C 193 21.69 5.60 -45.29
N LEU C 194 22.56 4.60 -45.09
CA LEU C 194 23.70 4.78 -44.19
C LEU C 194 24.66 5.85 -44.71
N GLY C 195 24.91 5.87 -46.01
CA GLY C 195 25.80 6.86 -46.57
C GLY C 195 25.17 8.18 -46.95
N THR C 196 23.85 8.33 -46.80
CA THR C 196 23.17 9.52 -47.28
C THR C 196 22.27 10.20 -46.26
N GLN C 197 21.86 9.51 -45.19
CA GLN C 197 21.02 10.09 -44.14
C GLN C 197 21.84 10.35 -42.88
N THR C 198 21.58 11.47 -42.23
CA THR C 198 22.27 11.85 -41.01
C THR C 198 21.49 11.37 -39.79
N TYR C 199 22.17 10.66 -38.89
CA TYR C 199 21.58 10.13 -37.66
C TYR C 199 22.30 10.71 -36.46
N ILE C 200 21.53 11.34 -35.57
CA ILE C 200 22.07 12.00 -34.38
C ILE C 200 21.20 11.60 -33.20
N CYS C 201 21.82 11.16 -32.12
CA CYS C 201 21.09 10.89 -30.89
C CYS C 201 21.19 12.10 -29.98
N ASN C 202 20.11 12.38 -29.27
CA ASN C 202 19.99 13.54 -28.39
C ASN C 202 19.83 13.02 -26.95
N VAL C 203 20.90 13.12 -26.17
CA VAL C 203 20.94 12.59 -24.81
C VAL C 203 20.79 13.74 -23.83
N ASN C 204 19.88 13.60 -22.88
CA ASN C 204 19.62 14.63 -21.88
C ASN C 204 19.63 13.96 -20.51
N HIS C 205 20.54 14.41 -19.64
CA HIS C 205 20.62 13.95 -18.26
C HIS C 205 20.34 15.16 -17.39
N LYS C 206 19.07 15.37 -17.05
CA LYS C 206 18.70 16.57 -16.30
C LYS C 206 19.37 16.68 -14.92
N PRO C 207 19.61 15.60 -14.17
CA PRO C 207 20.27 15.77 -12.86
C PRO C 207 21.61 16.45 -12.92
N SER C 208 22.28 16.48 -14.07
CA SER C 208 23.58 17.15 -14.19
C SER C 208 23.60 18.20 -15.28
N ASN C 209 22.44 18.58 -15.82
CA ASN C 209 22.32 19.60 -16.87
C ASN C 209 23.20 19.26 -18.07
N THR C 210 23.25 17.98 -18.40
CA THR C 210 24.09 17.50 -19.51
C THR C 210 23.17 17.21 -20.69
N LYS C 211 23.34 17.99 -21.75
CA LYS C 211 22.73 17.71 -23.05
C LYS C 211 23.85 17.44 -24.04
N VAL C 212 23.76 16.32 -24.75
CA VAL C 212 24.78 15.89 -25.70
C VAL C 212 24.09 15.41 -26.97
N ASP C 213 24.45 16.03 -28.10
CA ASP C 213 24.09 15.51 -29.41
C ASP C 213 25.30 14.77 -29.99
N LYS C 214 25.10 13.53 -30.40
CA LYS C 214 26.18 12.71 -30.95
C LYS C 214 25.78 12.23 -32.33
N ARG C 215 26.55 12.61 -33.35
CA ARG C 215 26.31 12.08 -34.68
C ARG C 215 26.94 10.71 -34.82
N VAL C 216 26.21 9.78 -35.44
CA VAL C 216 26.61 8.40 -35.57
C VAL C 216 26.77 8.09 -37.05
N GLU C 217 28.01 7.97 -37.49
CA GLU C 217 28.32 7.68 -38.88
C GLU C 217 28.93 6.29 -38.99
N PRO C 218 28.89 5.69 -40.18
CA PRO C 218 29.59 4.41 -40.38
C PRO C 218 31.10 4.59 -40.27
N LYS C 219 31.77 3.57 -39.75
CA LYS C 219 33.19 3.67 -39.45
C LYS C 219 34.01 3.47 -40.73
N SER C 220 34.91 4.42 -41.01
CA SER C 220 35.77 4.36 -42.17
C SER C 220 37.18 3.94 -41.75
N CYS C 221 37.75 2.99 -42.48
CA CYS C 221 39.05 2.44 -42.12
C CYS C 221 39.86 2.09 -43.37
N ASP D 1 -1.70 -5.32 9.97
CA ASP D 1 -1.86 -5.16 8.54
C ASP D 1 -2.51 -6.39 7.92
N ILE D 2 -3.04 -6.22 6.71
CA ILE D 2 -3.66 -7.29 5.95
C ILE D 2 -2.73 -7.65 4.79
N GLN D 3 -2.34 -8.92 4.72
CA GLN D 3 -1.50 -9.39 3.63
C GLN D 3 -2.38 -9.87 2.48
N MET D 4 -2.06 -9.41 1.27
CA MET D 4 -2.73 -9.85 0.06
C MET D 4 -1.81 -10.83 -0.66
N THR D 5 -2.29 -12.04 -0.89
CA THR D 5 -1.54 -13.08 -1.59
C THR D 5 -2.04 -13.18 -3.02
N GLN D 6 -1.21 -12.72 -3.96
CA GLN D 6 -1.58 -12.67 -5.36
C GLN D 6 -0.89 -13.80 -6.11
N SER D 7 -1.67 -14.59 -6.85
CA SER D 7 -1.17 -15.71 -7.63
C SER D 7 -1.73 -15.63 -9.05
N PRO D 8 -0.95 -16.01 -10.06
CA PRO D 8 0.47 -16.37 -10.02
C PRO D 8 1.32 -15.11 -10.07
N SER D 9 2.61 -15.18 -9.74
CA SER D 9 3.45 -14.00 -9.81
C SER D 9 3.74 -13.59 -11.25
N SER D 10 3.55 -14.50 -12.21
CA SER D 10 3.69 -14.19 -13.62
C SER D 10 3.02 -15.29 -14.43
N LEU D 11 2.52 -14.93 -15.59
CA LEU D 11 1.90 -15.90 -16.47
C LEU D 11 2.14 -15.50 -17.91
N SER D 12 1.96 -16.48 -18.79
CA SER D 12 2.18 -16.33 -20.22
C SER D 12 1.01 -16.98 -20.94
N ALA D 13 0.28 -16.20 -21.73
CA ALA D 13 -0.90 -16.69 -22.42
C ALA D 13 -0.93 -16.11 -23.83
N SER D 14 -1.56 -16.85 -24.74
CA SER D 14 -1.64 -16.38 -26.12
C SER D 14 -2.78 -15.37 -26.27
N VAL D 15 -2.73 -14.62 -27.37
CA VAL D 15 -3.78 -13.64 -27.65
C VAL D 15 -5.12 -14.35 -27.74
N GLY D 16 -6.13 -13.80 -27.07
CA GLY D 16 -7.45 -14.38 -27.04
C GLY D 16 -7.69 -15.40 -25.95
N ASP D 17 -6.66 -15.83 -25.24
CA ASP D 17 -6.84 -16.73 -24.11
C ASP D 17 -7.53 -16.02 -22.95
N ARG D 18 -8.07 -16.82 -22.04
CA ARG D 18 -8.64 -16.31 -20.80
C ARG D 18 -7.57 -16.33 -19.72
N VAL D 19 -7.44 -15.21 -19.02
CA VAL D 19 -6.44 -15.05 -17.96
C VAL D 19 -7.19 -14.89 -16.64
N THR D 20 -6.83 -15.71 -15.66
CA THR D 20 -7.40 -15.63 -14.31
C THR D 20 -6.29 -15.35 -13.30
N ILE D 21 -6.52 -14.37 -12.44
CA ILE D 21 -5.58 -13.98 -11.40
C ILE D 21 -6.31 -13.98 -10.07
N THR D 22 -5.73 -14.64 -9.07
CA THR D 22 -6.34 -14.68 -7.74
C THR D 22 -5.59 -13.77 -6.77
N CYS D 23 -6.35 -13.27 -5.80
CA CYS D 23 -5.80 -12.48 -4.72
C CYS D 23 -6.58 -12.92 -3.49
N GLN D 24 -5.88 -13.30 -2.43
CA GLN D 24 -6.49 -13.77 -1.21
C GLN D 24 -6.03 -12.91 -0.03
N ALA D 25 -6.97 -12.45 0.78
CA ALA D 25 -6.66 -11.59 1.90
C ALA D 25 -6.47 -12.41 3.17
N SER D 26 -5.58 -11.92 4.04
CA SER D 26 -5.31 -12.63 5.28
C SER D 26 -6.47 -12.53 6.26
N GLN D 27 -7.21 -11.43 6.21
CA GLN D 27 -8.42 -11.19 7.00
C GLN D 27 -9.55 -10.79 6.07
N ASP D 28 -10.76 -10.80 6.60
CA ASP D 28 -11.94 -10.35 5.87
C ASP D 28 -11.82 -8.88 5.45
N ILE D 29 -12.04 -8.60 4.16
CA ILE D 29 -12.04 -7.23 3.66
C ILE D 29 -13.34 -6.89 2.95
N ASN D 30 -14.42 -7.63 3.23
CA ASN D 30 -15.71 -7.37 2.62
C ASN D 30 -15.51 -7.32 1.11
N LYS D 31 -15.97 -6.28 0.40
CA LYS D 31 -15.81 -6.20 -1.04
C LYS D 31 -14.73 -5.22 -1.46
N TYR D 32 -13.93 -4.71 -0.53
CA TYR D 32 -13.11 -3.53 -0.81
C TYR D 32 -11.73 -3.93 -1.29
N LEU D 33 -11.72 -4.49 -2.50
CA LEU D 33 -10.51 -4.83 -3.22
C LEU D 33 -10.55 -4.19 -4.59
N ASN D 34 -9.44 -3.57 -4.99
CA ASN D 34 -9.29 -2.90 -6.27
C ASN D 34 -8.23 -3.61 -7.10
N TRP D 35 -8.33 -3.45 -8.41
CA TRP D 35 -7.36 -4.03 -9.34
C TRP D 35 -6.77 -2.94 -10.23
N TYR D 36 -5.46 -2.97 -10.41
CA TYR D 36 -4.76 -1.99 -11.22
C TYR D 36 -3.94 -2.68 -12.30
N GLN D 37 -3.74 -1.97 -13.40
CA GLN D 37 -2.81 -2.33 -14.47
C GLN D 37 -1.67 -1.33 -14.47
N GLN D 38 -0.42 -1.80 -14.60
CA GLN D 38 0.72 -0.90 -14.71
C GLN D 38 1.63 -1.35 -15.86
N LYS D 39 1.77 -0.49 -16.87
CA LYS D 39 2.78 -0.68 -17.90
C LYS D 39 4.11 -0.13 -17.41
N PRO D 40 5.22 -0.66 -17.91
CA PRO D 40 6.53 -0.24 -17.41
C PRO D 40 6.76 1.26 -17.61
N GLY D 41 7.24 1.91 -16.57
CA GLY D 41 7.47 3.35 -16.61
C GLY D 41 6.22 4.22 -16.50
N LYS D 42 5.04 3.62 -16.37
CA LYS D 42 3.79 4.35 -16.37
C LYS D 42 3.14 4.26 -14.99
N ALA D 43 2.26 5.21 -14.71
CA ALA D 43 1.46 5.13 -13.50
C ALA D 43 0.46 3.98 -13.59
N PRO D 44 0.06 3.41 -12.45
CA PRO D 44 -1.00 2.41 -12.47
C PRO D 44 -2.31 3.01 -12.96
N ASN D 45 -3.13 2.17 -13.60
CA ASN D 45 -4.48 2.50 -14.02
C ASN D 45 -5.47 1.65 -13.24
N LEU D 46 -6.50 2.31 -12.71
CA LEU D 46 -7.58 1.61 -12.03
C LEU D 46 -8.48 0.90 -13.03
N LEU D 47 -8.60 -0.42 -12.91
CA LEU D 47 -9.48 -1.21 -13.78
C LEU D 47 -10.76 -1.63 -13.06
N ILE D 48 -10.63 -2.18 -11.85
CA ILE D 48 -11.74 -2.71 -11.09
C ILE D 48 -11.68 -2.08 -9.70
N SER D 49 -12.84 -1.71 -9.16
CA SER D 49 -12.95 -1.25 -7.80
C SER D 49 -14.09 -1.99 -7.10
N GLY D 50 -14.04 -1.99 -5.77
CA GLY D 50 -15.07 -2.68 -5.01
C GLY D 50 -15.29 -4.11 -5.45
N ALA D 51 -14.19 -4.81 -5.76
CA ALA D 51 -14.20 -6.22 -6.16
C ALA D 51 -14.75 -6.48 -7.55
N SER D 52 -15.82 -5.75 -7.99
CA SER D 52 -16.40 -6.04 -9.29
C SER D 52 -16.79 -4.84 -10.15
N ASN D 53 -16.58 -3.60 -9.68
CA ASN D 53 -16.96 -2.44 -10.49
C ASN D 53 -16.03 -2.30 -11.69
N LEU D 54 -16.59 -2.34 -12.89
CA LEU D 54 -15.83 -2.04 -14.10
C LEU D 54 -15.70 -0.52 -14.19
N GLU D 55 -14.48 -0.01 -14.02
CA GLU D 55 -14.29 1.42 -13.88
C GLU D 55 -14.38 2.14 -15.22
N THR D 56 -14.55 3.46 -15.15
CA THR D 56 -14.89 4.28 -16.30
C THR D 56 -13.92 4.08 -17.45
N GLY D 57 -14.46 3.79 -18.63
CA GLY D 57 -13.68 3.64 -19.84
C GLY D 57 -12.93 2.33 -19.97
N VAL D 58 -12.94 1.48 -18.95
CA VAL D 58 -12.14 0.25 -18.98
C VAL D 58 -12.86 -0.78 -19.85
N PRO D 59 -12.16 -1.45 -20.77
CA PRO D 59 -12.83 -2.40 -21.67
C PRO D 59 -13.49 -3.54 -20.90
N SER D 60 -14.65 -3.96 -21.41
CA SER D 60 -15.48 -4.94 -20.72
C SER D 60 -14.88 -6.34 -20.68
N ARG D 61 -13.71 -6.56 -21.29
CA ARG D 61 -13.06 -7.85 -21.15
C ARG D 61 -12.42 -8.02 -19.77
N PHE D 62 -12.23 -6.94 -19.04
CA PHE D 62 -11.76 -6.99 -17.67
C PHE D 62 -12.94 -7.16 -16.72
N SER D 63 -12.77 -8.03 -15.72
CA SER D 63 -13.80 -8.20 -14.71
C SER D 63 -13.15 -8.66 -13.40
N GLY D 64 -13.90 -8.50 -12.32
CA GLY D 64 -13.48 -9.00 -11.02
C GLY D 64 -14.67 -9.54 -10.26
N SER D 65 -14.37 -10.44 -9.32
CA SER D 65 -15.42 -10.95 -8.43
C SER D 65 -14.77 -11.42 -7.15
N GLY D 66 -15.61 -11.70 -6.16
CA GLY D 66 -15.16 -12.17 -4.86
C GLY D 66 -15.70 -11.34 -3.71
N PHE D 67 -15.72 -11.92 -2.51
CA PHE D 67 -16.20 -11.24 -1.33
C PHE D 67 -15.60 -11.91 -0.10
N GLY D 68 -15.16 -11.12 0.86
CA GLY D 68 -14.61 -11.69 2.08
C GLY D 68 -13.10 -11.82 2.06
N THR D 69 -12.60 -12.98 1.62
CA THR D 69 -11.16 -13.23 1.56
C THR D 69 -10.65 -13.75 0.23
N ASP D 70 -11.50 -14.23 -0.68
CA ASP D 70 -11.05 -14.79 -1.95
C ASP D 70 -11.59 -13.98 -3.12
N PHE D 71 -10.69 -13.47 -3.94
CA PHE D 71 -11.07 -12.58 -5.03
C PHE D 71 -10.37 -12.99 -6.32
N THR D 72 -10.99 -12.63 -7.44
CA THR D 72 -10.58 -13.09 -8.76
C THR D 72 -10.63 -11.95 -9.76
N PHE D 73 -9.62 -11.90 -10.63
CA PHE D 73 -9.52 -10.91 -11.70
C PHE D 73 -9.38 -11.66 -13.01
N THR D 74 -10.17 -11.27 -14.01
CA THR D 74 -10.23 -12.01 -15.26
C THR D 74 -10.03 -11.06 -16.44
N ILE D 75 -9.24 -11.49 -17.40
CA ILE D 75 -9.19 -10.91 -18.74
C ILE D 75 -9.79 -11.95 -19.66
N SER D 76 -11.02 -11.72 -20.12
CA SER D 76 -11.76 -12.75 -20.85
C SER D 76 -11.08 -13.10 -22.17
N SER D 77 -10.31 -12.16 -22.74
CA SER D 77 -9.68 -12.38 -24.03
C SER D 77 -8.44 -11.51 -24.08
N LEU D 78 -7.28 -12.12 -23.88
CA LEU D 78 -6.04 -11.37 -23.74
C LEU D 78 -5.66 -10.69 -25.06
N GLN D 79 -5.36 -9.39 -24.98
CA GLN D 79 -5.02 -8.54 -26.11
C GLN D 79 -3.57 -8.11 -26.05
N PRO D 80 -2.95 -7.80 -27.19
CA PRO D 80 -1.55 -7.35 -27.15
C PRO D 80 -1.31 -6.11 -26.30
N GLU D 81 -2.29 -5.20 -26.20
CA GLU D 81 -2.12 -4.02 -25.37
C GLU D 81 -2.27 -4.31 -23.88
N ASP D 82 -2.48 -5.57 -23.50
CA ASP D 82 -2.68 -5.94 -22.11
C ASP D 82 -1.39 -6.36 -21.42
N ILE D 83 -0.27 -6.42 -22.13
CA ILE D 83 1.05 -6.70 -21.58
C ILE D 83 1.37 -5.68 -20.50
N ALA D 84 1.38 -6.13 -19.25
CA ALA D 84 1.49 -5.23 -18.11
C ALA D 84 1.73 -6.06 -16.87
N THR D 85 1.88 -5.37 -15.74
CA THR D 85 1.84 -5.98 -14.42
C THR D 85 0.54 -5.56 -13.75
N TYR D 86 -0.20 -6.53 -13.20
CA TYR D 86 -1.48 -6.28 -12.57
C TYR D 86 -1.34 -6.43 -11.06
N TYR D 87 -1.99 -5.55 -10.30
CA TYR D 87 -1.92 -5.57 -8.84
C TYR D 87 -3.31 -5.52 -8.24
N CYS D 88 -3.55 -6.36 -7.23
CA CYS D 88 -4.69 -6.11 -6.37
C CYS D 88 -4.26 -5.22 -5.21
N GLN D 89 -5.25 -4.62 -4.56
CA GLN D 89 -5.04 -3.67 -3.47
C GLN D 89 -6.28 -3.70 -2.58
N GLN D 90 -6.12 -4.01 -1.30
CA GLN D 90 -7.23 -3.84 -0.37
C GLN D 90 -7.20 -2.41 0.15
N SER D 91 -8.35 -1.73 0.12
CA SER D 91 -8.41 -0.28 0.28
C SER D 91 -8.96 0.19 1.62
N ASP D 92 -9.77 -0.63 2.28
CA ASP D 92 -10.60 -0.17 3.39
C ASP D 92 -10.06 -0.57 4.77
N ASN D 93 -8.87 -1.16 4.85
CA ASN D 93 -8.22 -1.50 6.11
C ASN D 93 -6.84 -0.84 6.17
N LEU D 94 -6.63 -0.04 7.20
CA LEU D 94 -5.38 0.71 7.36
C LEU D 94 -4.29 -0.17 7.94
N PRO D 95 -3.11 -0.25 7.30
CA PRO D 95 -2.72 0.42 6.06
C PRO D 95 -3.21 -0.29 4.80
N PRO D 96 -3.67 0.45 3.79
CA PRO D 96 -4.01 -0.19 2.50
C PRO D 96 -2.79 -0.90 1.92
N THR D 97 -2.97 -2.17 1.53
CA THR D 97 -1.88 -3.01 1.09
C THR D 97 -2.17 -3.59 -0.28
N PHE D 98 -1.10 -3.95 -0.98
CA PHE D 98 -1.12 -4.43 -2.35
C PHE D 98 -0.70 -5.90 -2.44
N GLY D 99 -1.26 -6.59 -3.42
CA GLY D 99 -0.69 -7.85 -3.82
C GLY D 99 0.70 -7.67 -4.40
N GLN D 100 1.40 -8.80 -4.52
CA GLN D 100 2.77 -8.77 -5.04
C GLN D 100 2.81 -8.51 -6.54
N GLY D 101 1.68 -8.60 -7.22
CA GLY D 101 1.63 -8.32 -8.64
C GLY D 101 1.65 -9.59 -9.48
N THR D 102 1.20 -9.45 -10.73
CA THR D 102 1.22 -10.53 -11.70
C THR D 102 1.71 -9.96 -13.03
N LYS D 103 2.90 -10.36 -13.45
CA LYS D 103 3.44 -9.91 -14.73
C LYS D 103 2.86 -10.77 -15.84
N VAL D 104 2.17 -10.14 -16.79
CA VAL D 104 1.48 -10.84 -17.87
C VAL D 104 2.24 -10.58 -19.16
N GLU D 105 2.85 -11.63 -19.72
CA GLU D 105 3.43 -11.58 -21.05
C GLU D 105 2.55 -12.35 -22.03
N ILE D 106 2.85 -12.19 -23.32
CA ILE D 106 2.06 -12.80 -24.38
C ILE D 106 2.87 -13.91 -25.03
N LYS D 107 2.25 -15.08 -25.18
CA LYS D 107 2.83 -16.17 -25.96
C LYS D 107 2.66 -15.91 -27.44
N ARG D 108 3.74 -16.07 -28.19
CA ARG D 108 3.68 -16.00 -29.65
C ARG D 108 4.59 -17.07 -30.20
N THR D 109 4.57 -17.21 -31.52
CA THR D 109 5.45 -18.18 -32.17
C THR D 109 6.91 -17.83 -31.86
N VAL D 110 7.76 -18.85 -31.94
CA VAL D 110 9.19 -18.66 -31.70
C VAL D 110 9.77 -17.76 -32.80
N ALA D 111 10.67 -16.87 -32.40
CA ALA D 111 11.36 -15.98 -33.33
C ALA D 111 12.82 -15.88 -32.94
N ALA D 112 13.72 -16.27 -33.84
CA ALA D 112 15.13 -16.16 -33.57
C ALA D 112 15.55 -14.69 -33.52
N PRO D 113 16.62 -14.38 -32.81
CA PRO D 113 17.13 -13.00 -32.79
C PRO D 113 18.12 -12.72 -33.91
N SER D 114 18.07 -11.48 -34.39
CA SER D 114 19.17 -10.94 -35.18
C SER D 114 20.27 -10.51 -34.22
N VAL D 115 21.51 -10.92 -34.48
CA VAL D 115 22.62 -10.62 -33.58
C VAL D 115 23.57 -9.68 -34.30
N PHE D 116 23.89 -8.56 -33.64
CA PHE D 116 24.86 -7.59 -34.14
C PHE D 116 25.87 -7.31 -33.05
N ILE D 117 27.10 -7.03 -33.45
CA ILE D 117 28.17 -6.72 -32.52
C ILE D 117 28.80 -5.39 -32.91
N PHE D 118 29.16 -4.61 -31.91
CA PHE D 118 29.72 -3.27 -32.10
C PHE D 118 31.04 -3.15 -31.35
N PRO D 119 32.15 -2.92 -32.05
CA PRO D 119 33.42 -2.69 -31.36
C PRO D 119 33.36 -1.37 -30.57
N PRO D 120 34.29 -1.16 -29.64
CA PRO D 120 34.35 0.14 -28.98
C PRO D 120 34.64 1.24 -29.98
N SER D 121 34.09 2.42 -29.72
CA SER D 121 34.36 3.57 -30.56
C SER D 121 35.75 4.11 -30.25
N ASP D 122 36.34 4.79 -31.25
CA ASP D 122 37.60 5.46 -31.01
C ASP D 122 37.50 6.49 -29.88
N GLU D 123 36.36 7.19 -29.80
CA GLU D 123 36.16 8.16 -28.72
C GLU D 123 36.38 7.50 -27.36
N GLN D 124 35.77 6.33 -27.13
CA GLN D 124 35.86 5.73 -25.81
C GLN D 124 37.29 5.25 -25.53
N LEU D 125 37.96 4.69 -26.54
CA LEU D 125 39.32 4.20 -26.35
C LEU D 125 40.27 5.32 -25.91
N LYS D 126 40.00 6.56 -26.31
CA LYS D 126 40.83 7.66 -25.83
C LYS D 126 40.57 7.97 -24.36
N SER D 127 39.47 7.49 -23.81
CA SER D 127 39.18 7.66 -22.39
C SER D 127 39.78 6.56 -21.52
N GLY D 128 40.35 5.52 -22.13
CA GLY D 128 40.95 4.44 -21.36
C GLY D 128 40.02 3.29 -21.05
N THR D 129 38.91 3.17 -21.76
CA THR D 129 37.94 2.11 -21.54
C THR D 129 37.44 1.63 -22.90
N ALA D 130 37.06 0.36 -22.97
CA ALA D 130 36.50 -0.24 -24.17
C ALA D 130 35.22 -0.97 -23.78
N SER D 131 34.11 -0.61 -24.43
CA SER D 131 32.86 -1.33 -24.26
C SER D 131 32.51 -1.99 -25.58
N VAL D 132 32.26 -3.28 -25.55
CA VAL D 132 31.83 -4.04 -26.71
C VAL D 132 30.36 -4.38 -26.49
N VAL D 133 29.52 -4.04 -27.46
CA VAL D 133 28.09 -4.23 -27.34
C VAL D 133 27.66 -5.32 -28.31
N CYS D 134 26.84 -6.23 -27.80
CA CYS D 134 26.25 -7.31 -28.59
C CYS D 134 24.74 -7.15 -28.48
N LEU D 135 24.08 -7.15 -29.63
CA LEU D 135 22.68 -6.78 -29.73
C LEU D 135 21.87 -7.97 -30.24
N LEU D 136 20.83 -8.33 -29.50
CA LEU D 136 19.90 -9.39 -29.89
C LEU D 136 18.55 -8.72 -30.12
N ASN D 137 18.09 -8.72 -31.36
CA ASN D 137 16.94 -7.91 -31.76
C ASN D 137 15.74 -8.78 -32.12
N ASN D 138 14.60 -8.48 -31.48
CA ASN D 138 13.26 -8.93 -31.87
C ASN D 138 13.14 -10.46 -31.83
N PHE D 139 13.27 -11.01 -30.63
CA PHE D 139 13.20 -12.46 -30.46
C PHE D 139 12.11 -12.84 -29.46
N TYR D 140 11.73 -14.12 -29.50
CA TYR D 140 10.80 -14.75 -28.58
C TYR D 140 11.08 -16.25 -28.59
N PRO D 141 11.10 -16.92 -27.42
CA PRO D 141 10.82 -16.43 -26.05
C PRO D 141 11.95 -15.58 -25.49
N ARG D 142 11.79 -15.10 -24.25
CA ARG D 142 12.76 -14.16 -23.67
C ARG D 142 14.07 -14.84 -23.31
N GLU D 143 14.03 -16.14 -23.00
CA GLU D 143 15.22 -16.82 -22.52
C GLU D 143 16.24 -16.91 -23.65
N ALA D 144 17.42 -16.35 -23.41
CA ALA D 144 18.52 -16.35 -24.36
C ALA D 144 19.81 -16.37 -23.57
N LYS D 145 20.88 -16.87 -24.19
CA LYS D 145 22.16 -16.98 -23.54
C LYS D 145 23.21 -16.29 -24.38
N VAL D 146 23.90 -15.31 -23.80
CA VAL D 146 25.00 -14.60 -24.44
C VAL D 146 26.28 -14.96 -23.71
N GLN D 147 27.22 -15.54 -24.44
CA GLN D 147 28.54 -15.87 -23.92
C GLN D 147 29.56 -15.02 -24.65
N TRP D 148 30.30 -14.21 -23.90
CA TRP D 148 31.43 -13.46 -24.44
C TRP D 148 32.68 -14.33 -24.45
N LYS D 149 33.38 -14.32 -25.57
CA LYS D 149 34.67 -14.98 -25.68
C LYS D 149 35.69 -13.97 -26.16
N VAL D 150 36.89 -14.03 -25.59
CA VAL D 150 37.96 -13.08 -25.90
C VAL D 150 39.19 -13.91 -26.19
N ASP D 151 39.57 -14.00 -27.46
CA ASP D 151 40.57 -14.96 -27.90
C ASP D 151 40.21 -16.36 -27.39
N ASN D 152 38.92 -16.69 -27.49
CA ASN D 152 38.33 -17.96 -27.13
C ASN D 152 38.34 -18.25 -25.63
N ALA D 153 38.77 -17.30 -24.81
CA ALA D 153 38.59 -17.42 -23.36
C ALA D 153 37.21 -16.91 -22.99
N LEU D 154 36.47 -17.71 -22.23
CA LEU D 154 35.12 -17.32 -21.81
C LEU D 154 35.20 -16.23 -20.74
N GLN D 155 34.43 -15.17 -20.93
CA GLN D 155 34.43 -14.01 -20.04
C GLN D 155 33.29 -14.09 -19.03
N SER D 156 33.62 -13.99 -17.75
CA SER D 156 32.63 -13.97 -16.70
C SER D 156 32.88 -12.79 -15.78
N GLY D 157 31.83 -12.03 -15.48
CA GLY D 157 31.91 -10.99 -14.47
C GLY D 157 32.33 -9.61 -14.96
N ASN D 158 32.34 -9.36 -16.26
CA ASN D 158 32.67 -8.05 -16.81
C ASN D 158 31.69 -7.67 -17.92
N SER D 159 30.48 -8.23 -17.88
CA SER D 159 29.44 -7.90 -18.84
C SER D 159 28.13 -7.75 -18.10
N GLN D 160 27.19 -7.06 -18.76
CA GLN D 160 25.87 -6.82 -18.20
C GLN D 160 24.84 -6.82 -19.32
N GLU D 161 23.68 -7.38 -19.02
CA GLU D 161 22.60 -7.50 -19.98
C GLU D 161 21.46 -6.57 -19.60
N SER D 162 20.68 -6.22 -20.60
CA SER D 162 19.49 -5.39 -20.41
C SER D 162 18.49 -5.82 -21.48
N VAL D 163 17.25 -6.05 -21.07
CA VAL D 163 16.20 -6.52 -21.97
C VAL D 163 15.10 -5.47 -22.03
N THR D 164 14.55 -5.27 -23.23
CA THR D 164 13.42 -4.36 -23.37
C THR D 164 12.14 -5.07 -22.95
N GLU D 165 11.15 -4.27 -22.54
CA GLU D 165 9.83 -4.82 -22.31
C GLU D 165 9.26 -5.40 -23.60
N GLN D 166 8.44 -6.44 -23.45
CA GLN D 166 7.85 -7.10 -24.60
C GLN D 166 7.10 -6.09 -25.46
N ASP D 167 7.30 -6.14 -26.77
CA ASP D 167 6.76 -5.12 -27.66
C ASP D 167 5.25 -5.23 -27.76
N SER D 168 4.55 -4.10 -27.68
CA SER D 168 3.11 -4.11 -27.70
C SER D 168 2.54 -4.52 -29.06
N LYS D 169 3.36 -4.63 -30.10
CA LYS D 169 2.89 -4.89 -31.46
C LYS D 169 3.23 -6.29 -31.95
N ASP D 170 4.51 -6.67 -31.95
CA ASP D 170 4.90 -8.00 -32.41
C ASP D 170 5.26 -8.96 -31.27
N SER D 171 5.17 -8.50 -30.01
CA SER D 171 5.31 -9.36 -28.83
C SER D 171 6.69 -10.01 -28.73
N THR D 172 7.72 -9.28 -29.13
CA THR D 172 9.09 -9.78 -29.05
C THR D 172 9.89 -8.97 -28.02
N TYR D 173 11.10 -9.45 -27.77
CA TYR D 173 12.04 -8.79 -26.88
C TYR D 173 13.28 -8.39 -27.64
N SER D 174 14.06 -7.49 -27.06
CA SER D 174 15.41 -7.21 -27.53
C SER D 174 16.34 -7.13 -26.34
N LEU D 175 17.60 -7.50 -26.56
CA LEU D 175 18.57 -7.63 -25.48
C LEU D 175 19.87 -6.99 -25.91
N SER D 176 20.51 -6.28 -24.98
CA SER D 176 21.87 -5.80 -25.18
C SER D 176 22.76 -6.41 -24.10
N SER D 177 23.93 -6.88 -24.53
CA SER D 177 24.98 -7.33 -23.63
C SER D 177 26.19 -6.44 -23.88
N THR D 178 26.72 -5.84 -22.82
CA THR D 178 27.84 -4.91 -22.93
C THR D 178 29.00 -5.50 -22.16
N LEU D 179 30.12 -5.70 -22.85
CA LEU D 179 31.35 -6.19 -22.26
C LEU D 179 32.30 -5.02 -22.09
N THR D 180 32.81 -4.83 -20.87
CA THR D 180 33.62 -3.67 -20.56
C THR D 180 34.99 -4.09 -20.04
N LEU D 181 36.04 -3.58 -20.68
CA LEU D 181 37.42 -3.80 -20.28
C LEU D 181 38.15 -2.48 -20.32
N SER D 182 39.28 -2.42 -19.60
CA SER D 182 40.18 -1.27 -19.71
C SER D 182 40.82 -1.24 -21.09
N LYS D 183 41.27 -0.05 -21.50
CA LYS D 183 41.94 0.06 -22.80
C LYS D 183 43.13 -0.88 -22.89
N ALA D 184 44.00 -0.86 -21.87
CA ALA D 184 45.17 -1.73 -21.88
C ALA D 184 44.77 -3.20 -21.99
N ASP D 185 43.74 -3.61 -21.25
CA ASP D 185 43.26 -4.98 -21.34
C ASP D 185 42.71 -5.29 -22.73
N TYR D 186 41.98 -4.35 -23.32
CA TYR D 186 41.39 -4.56 -24.63
C TYR D 186 42.46 -4.71 -25.71
N GLU D 187 43.61 -4.07 -25.55
CA GLU D 187 44.68 -4.14 -26.55
C GLU D 187 45.50 -5.43 -26.45
N LYS D 188 45.29 -6.24 -25.41
CA LYS D 188 45.98 -7.52 -25.27
C LYS D 188 45.42 -8.61 -26.18
N HIS D 189 44.18 -8.49 -26.62
CA HIS D 189 43.49 -9.57 -27.29
C HIS D 189 43.06 -9.15 -28.69
N LYS D 190 42.82 -10.14 -29.54
CA LYS D 190 42.49 -9.90 -30.94
C LYS D 190 41.02 -10.17 -31.25
N VAL D 191 40.52 -11.38 -30.97
CA VAL D 191 39.19 -11.78 -31.40
C VAL D 191 38.20 -11.55 -30.28
N TYR D 192 37.21 -10.69 -30.53
CA TYR D 192 36.10 -10.44 -29.60
C TYR D 192 34.83 -10.99 -30.21
N ALA D 193 34.13 -11.83 -29.45
CA ALA D 193 33.01 -12.60 -29.97
C ALA D 193 31.92 -12.73 -28.91
N CYS D 194 30.65 -12.62 -29.34
CA CYS D 194 29.53 -13.04 -28.50
C CYS D 194 28.83 -14.20 -29.19
N GLU D 195 28.52 -15.23 -28.41
CA GLU D 195 27.89 -16.45 -28.88
C GLU D 195 26.51 -16.50 -28.26
N VAL D 196 25.48 -16.56 -29.10
CA VAL D 196 24.10 -16.44 -28.67
C VAL D 196 23.43 -17.80 -28.80
N THR D 197 22.84 -18.27 -27.70
CA THR D 197 22.07 -19.50 -27.69
C THR D 197 20.61 -19.14 -27.44
N HIS D 198 19.73 -19.65 -28.29
CA HIS D 198 18.32 -19.30 -28.22
C HIS D 198 17.51 -20.37 -28.92
N GLN D 199 16.26 -20.54 -28.47
CA GLN D 199 15.42 -21.63 -28.96
C GLN D 199 15.19 -21.54 -30.46
N GLY D 200 15.10 -20.33 -31.00
CA GLY D 200 14.94 -20.17 -32.43
C GLY D 200 16.17 -20.42 -33.26
N LEU D 201 17.30 -20.73 -32.62
CA LEU D 201 18.56 -20.99 -33.30
C LEU D 201 18.87 -22.48 -33.23
N SER D 202 18.99 -23.12 -34.39
CA SER D 202 19.29 -24.55 -34.43
C SER D 202 20.64 -24.84 -33.78
N SER D 203 21.61 -23.96 -33.96
CA SER D 203 22.91 -24.03 -33.31
C SER D 203 23.30 -22.62 -32.91
N PRO D 204 24.12 -22.45 -31.87
CA PRO D 204 24.47 -21.11 -31.40
C PRO D 204 25.10 -20.27 -32.51
N VAL D 205 24.74 -18.99 -32.53
CA VAL D 205 25.28 -18.03 -33.51
C VAL D 205 26.37 -17.21 -32.84
N THR D 206 27.50 -17.05 -33.53
CA THR D 206 28.62 -16.24 -33.04
C THR D 206 28.84 -15.07 -33.99
N LYS D 207 28.86 -13.86 -33.44
CA LYS D 207 29.28 -12.65 -34.15
C LYS D 207 30.57 -12.15 -33.51
N SER D 208 31.58 -11.84 -34.33
CA SER D 208 32.89 -11.49 -33.81
C SER D 208 33.57 -10.49 -34.72
N PHE D 209 34.61 -9.85 -34.18
CA PHE D 209 35.49 -9.01 -34.97
C PHE D 209 36.91 -9.15 -34.44
N ASN D 210 37.88 -8.70 -35.22
CA ASN D 210 39.27 -8.65 -34.82
C ASN D 210 39.63 -7.19 -34.53
N ARG D 211 40.23 -6.95 -33.37
CA ARG D 211 40.61 -5.59 -32.98
C ARG D 211 41.57 -4.98 -34.00
N GLY D 212 41.22 -3.79 -34.48
CA GLY D 212 42.07 -3.10 -35.44
C GLY D 212 41.94 -3.61 -36.85
N GLU D 213 40.73 -3.97 -37.27
CA GLU D 213 40.48 -4.47 -38.62
C GLU D 213 39.14 -3.93 -39.12
N CYS D 214 39.10 -3.62 -40.43
CA CYS D 214 37.90 -3.10 -41.08
C CYS D 214 36.71 -4.03 -40.89
#